data_4E4S
#
_entry.id   4E4S
#
_cell.length_a   49.371
_cell.length_b   164.588
_cell.length_c   54.103
_cell.angle_alpha   90.000
_cell.angle_beta   117.160
_cell.angle_gamma   90.000
#
_symmetry.space_group_name_H-M   'P 1 21 1'
#
loop_
_entity.id
_entity.type
_entity.pdbx_description
1 polymer 'Tumor necrosis factor ligand superfamily member 18'
2 non-polymer GLYCEROL
3 non-polymer 'MAGNESIUM ION'
4 water water
#
_entity_poly.entity_id   1
_entity_poly.type   'polypeptide(L)'
_entity_poly.pdbx_seq_one_letter_code
;MAKDPCVAKFGPSPSEWQMASSESSCLNKMSDWKLRILQNGLYAIYGRVTPNPTYKGFAPFEVQLCKNKDAIQTLTDSSK
IQNLGNIYEFNAGDTIELRFNSDDQVLKTNTYFGIILLANPQFGS
;
_entity_poly.pdbx_strand_id   A,B,C,D,E,F
#
loop_
_chem_comp.id
_chem_comp.type
_chem_comp.name
_chem_comp.formula
GOL non-polymer GLYCEROL 'C3 H8 O3'
MG non-polymer 'MAGNESIUM ION' 'Mg 2'
#
# COMPACT_ATOMS: atom_id res chain seq x y z
N PRO A 5 -0.69 30.24 -6.36
CA PRO A 5 0.49 29.91 -5.53
C PRO A 5 1.08 31.15 -4.88
N CYS A 6 1.56 31.03 -3.64
CA CYS A 6 2.36 32.09 -3.04
C CYS A 6 3.83 31.82 -3.29
N VAL A 7 4.42 32.59 -4.20
CA VAL A 7 5.78 32.37 -4.65
C VAL A 7 6.55 33.68 -4.75
N ALA A 8 7.84 33.64 -4.42
CA ALA A 8 8.72 34.79 -4.65
C ALA A 8 10.06 34.30 -5.14
N LYS A 9 10.68 35.07 -6.03
CA LYS A 9 11.99 34.70 -6.57
C LYS A 9 12.86 35.95 -6.73
N PHE A 10 14.10 35.88 -6.23
CA PHE A 10 15.04 36.97 -6.46
C PHE A 10 16.07 36.58 -7.48
N GLY A 11 16.27 37.45 -8.46
CA GLY A 11 17.26 37.22 -9.48
C GLY A 11 16.80 36.18 -10.49
N PRO A 12 17.73 35.73 -11.35
CA PRO A 12 19.09 36.26 -11.40
C PRO A 12 19.13 37.66 -12.03
N SER A 13 20.22 38.40 -11.81
CA SER A 13 20.43 39.72 -12.39
C SER A 13 20.18 39.69 -13.89
N PRO A 14 19.57 40.74 -14.45
CA PRO A 14 19.15 41.99 -13.81
C PRO A 14 17.80 41.91 -13.08
N SER A 15 17.14 40.76 -13.08
CA SER A 15 15.88 40.63 -12.36
C SER A 15 16.11 40.85 -10.87
N GLU A 16 15.15 41.50 -10.23
CA GLU A 16 15.17 41.62 -8.79
C GLU A 16 14.05 40.77 -8.20
N TRP A 17 13.24 41.34 -7.30
CA TRP A 17 12.14 40.56 -6.73
C TRP A 17 11.00 40.35 -7.73
N GLN A 18 10.63 39.09 -7.93
CA GLN A 18 9.41 38.75 -8.66
C GLN A 18 8.47 38.02 -7.71
N MET A 19 7.19 38.40 -7.71
CA MET A 19 6.24 37.74 -6.82
C MET A 19 4.91 37.42 -7.51
N ALA A 20 4.36 36.25 -7.18
CA ALA A 20 3.08 35.81 -7.69
C ALA A 20 2.16 35.49 -6.51
N SER A 25 -0.40 38.04 1.94
CA SER A 25 -0.01 36.67 1.58
C SER A 25 0.92 36.07 2.63
N CYS A 26 1.83 35.21 2.18
CA CYS A 26 2.66 34.46 3.10
C CYS A 26 4.05 35.09 3.29
N LEU A 27 4.36 36.13 2.52
CA LEU A 27 5.67 36.79 2.64
C LEU A 27 5.74 38.22 2.10
N ASN A 28 6.78 38.93 2.49
CA ASN A 28 7.01 40.31 2.09
C ASN A 28 8.50 40.58 1.86
N LYS A 29 8.85 41.06 0.66
CA LYS A 29 10.24 41.36 0.36
C LYS A 29 10.74 42.49 1.24
N MET A 30 11.94 42.33 1.78
CA MET A 30 12.48 43.31 2.73
C MET A 30 13.59 44.16 2.11
N SER A 31 14.31 43.55 1.18
CA SER A 31 15.41 44.21 0.47
C SER A 31 15.95 43.20 -0.53
N ASP A 32 17.08 43.51 -1.16
CA ASP A 32 17.66 42.54 -2.10
C ASP A 32 18.04 41.26 -1.37
N TRP A 33 17.54 40.14 -1.87
CA TRP A 33 17.87 38.79 -1.37
C TRP A 33 17.23 38.44 -0.03
N LYS A 34 16.52 39.36 0.58
CA LYS A 34 15.98 39.18 1.93
C LYS A 34 14.46 39.27 1.95
N LEU A 35 13.82 38.34 2.67
CA LEU A 35 12.36 38.19 2.73
C LEU A 35 11.85 38.10 4.16
N ARG A 36 10.62 38.54 4.38
CA ARG A 36 9.92 38.35 5.65
C ARG A 36 8.83 37.31 5.48
N ILE A 37 8.85 36.25 6.30
CA ILE A 37 7.77 35.28 6.32
C ILE A 37 6.59 35.81 7.17
N LEU A 38 5.38 35.76 6.60
CA LEU A 38 4.19 36.29 7.26
C LEU A 38 3.29 35.22 7.87
N GLN A 39 3.52 33.96 7.49
CA GLN A 39 2.70 32.87 8.02
C GLN A 39 3.55 31.67 8.35
N ASN A 40 3.24 31.02 9.48
CA ASN A 40 3.81 29.72 9.77
C ASN A 40 3.37 28.80 8.66
N GLY A 41 4.30 28.07 8.08
CA GLY A 41 3.91 27.10 7.09
C GLY A 41 5.07 26.24 6.71
N LEU A 42 4.83 25.35 5.75
CA LEU A 42 5.87 24.53 5.15
C LEU A 42 6.21 25.14 3.79
N TYR A 43 7.49 25.34 3.56
CA TYR A 43 7.92 26.04 2.36
C TYR A 43 8.95 25.21 1.59
N ALA A 44 9.00 25.38 0.27
CA ALA A 44 10.11 24.86 -0.51
C ALA A 44 10.98 26.01 -0.97
N ILE A 45 12.28 25.86 -0.81
CA ILE A 45 13.25 26.78 -1.36
C ILE A 45 13.83 26.13 -2.62
N TYR A 46 14.14 26.95 -3.62
CA TYR A 46 14.78 26.46 -4.84
C TYR A 46 15.74 27.53 -5.36
N GLY A 47 16.63 27.15 -6.26
CA GLY A 47 17.60 28.10 -6.79
C GLY A 47 19.00 27.51 -6.94
N ARG A 48 19.93 28.37 -7.30
CA ARG A 48 21.26 27.94 -7.69
C ARG A 48 22.25 29.00 -7.25
N VAL A 49 23.45 28.57 -6.87
CA VAL A 49 24.54 29.48 -6.55
C VAL A 49 25.75 29.14 -7.40
N THR A 50 26.14 30.07 -8.27
CA THR A 50 27.29 29.88 -9.15
C THR A 50 28.44 30.77 -8.70
N PRO A 51 29.55 30.16 -8.26
CA PRO A 51 30.73 30.94 -7.88
C PRO A 51 31.26 31.77 -9.05
N ASN A 52 31.82 32.93 -8.75
CA ASN A 52 32.40 33.78 -9.77
C ASN A 52 33.87 33.42 -9.97
N PRO A 53 34.21 32.89 -11.15
CA PRO A 53 35.59 32.51 -11.47
C PRO A 53 36.56 33.68 -11.44
N THR A 54 36.06 34.90 -11.49
CA THR A 54 36.95 36.05 -11.47
C THR A 54 37.29 36.57 -10.07
N TYR A 55 36.79 35.92 -9.03
CA TYR A 55 36.99 36.43 -7.67
C TYR A 55 38.45 36.34 -7.25
N LYS A 56 39.04 37.47 -6.89
CA LYS A 56 40.42 37.46 -6.41
C LYS A 56 40.56 38.06 -5.00
N GLY A 57 39.44 38.20 -4.29
CA GLY A 57 39.41 38.83 -2.98
C GLY A 57 40.02 38.00 -1.88
N PHE A 58 40.13 38.57 -0.69
CA PHE A 58 40.86 37.91 0.39
C PHE A 58 39.94 37.28 1.40
N ALA A 59 38.65 37.52 1.29
CA ALA A 59 37.69 36.85 2.15
C ALA A 59 37.40 35.48 1.58
N PRO A 60 37.30 34.46 2.45
CA PRO A 60 37.05 33.09 1.99
C PRO A 60 35.69 33.01 1.31
N PHE A 61 35.52 32.05 0.39
CA PHE A 61 34.23 31.84 -0.26
C PHE A 61 33.25 31.29 0.75
N GLU A 62 32.14 32.01 0.93
CA GLU A 62 31.04 31.49 1.70
C GLU A 62 29.74 32.16 1.29
N VAL A 63 28.70 31.34 1.18
CA VAL A 63 27.36 31.83 0.89
C VAL A 63 26.48 31.10 1.86
N GLN A 64 25.49 31.80 2.41
CA GLN A 64 24.62 31.23 3.41
C GLN A 64 23.18 31.65 3.19
N LEU A 65 22.28 30.67 3.29
CA LEU A 65 20.85 30.97 3.39
C LEU A 65 20.53 31.08 4.88
N CYS A 66 20.18 32.29 5.32
CA CYS A 66 19.95 32.51 6.74
C CYS A 66 18.47 32.67 7.05
N LYS A 67 17.99 31.91 8.03
CA LYS A 67 16.69 32.17 8.63
C LYS A 67 16.97 32.99 9.85
N ASN A 68 16.44 34.20 9.85
CA ASN A 68 16.90 35.22 10.76
C ASN A 68 18.42 35.35 10.54
N LYS A 69 19.21 35.17 11.58
CA LYS A 69 20.65 35.35 11.42
C LYS A 69 21.38 34.03 11.43
N ASP A 70 20.59 32.96 11.49
CA ASP A 70 21.14 31.60 11.57
C ASP A 70 21.14 30.90 10.23
N ALA A 71 22.31 30.39 9.83
CA ALA A 71 22.47 29.72 8.54
C ALA A 71 21.73 28.39 8.53
N ILE A 72 20.88 28.16 7.54
CA ILE A 72 20.24 26.85 7.36
C ILE A 72 20.87 26.09 6.20
N GLN A 73 21.58 26.80 5.33
N GLN A 73 21.60 26.82 5.37
CA GLN A 73 22.47 26.15 4.38
CA GLN A 73 22.43 26.25 4.32
C GLN A 73 23.73 26.97 4.19
C GLN A 73 23.75 27.01 4.27
N THR A 74 24.86 26.29 4.16
CA THR A 74 26.16 26.94 4.04
C THR A 74 26.97 26.35 2.88
N LEU A 75 27.48 27.23 2.02
CA LEU A 75 28.23 26.83 0.85
C LEU A 75 29.65 27.36 1.02
N THR A 76 30.64 26.48 1.00
CA THR A 76 32.02 26.92 1.12
C THR A 76 32.91 26.44 -0.02
N ASP A 77 32.38 25.59 -0.88
CA ASP A 77 33.17 25.06 -1.98
C ASP A 77 33.00 25.91 -3.21
N SER A 78 34.00 26.73 -3.50
CA SER A 78 33.95 27.64 -4.63
C SER A 78 34.16 26.94 -5.97
N SER A 79 34.22 25.61 -5.96
CA SER A 79 34.31 24.86 -7.21
C SER A 79 33.06 24.02 -7.45
N LYS A 80 31.98 24.38 -6.74
CA LYS A 80 30.68 23.73 -6.93
C LYS A 80 29.62 24.74 -7.35
N ILE A 81 28.78 24.35 -8.31
CA ILE A 81 27.57 25.10 -8.60
C ILE A 81 26.46 24.39 -7.83
N GLN A 82 26.02 25.00 -6.74
CA GLN A 82 25.16 24.31 -5.79
C GLN A 82 23.67 24.59 -5.98
N ASN A 83 22.84 23.57 -5.85
CA ASN A 83 21.39 23.75 -5.89
C ASN A 83 20.89 24.08 -4.48
N LEU A 84 19.89 24.94 -4.39
CA LEU A 84 19.38 25.38 -3.09
C LEU A 84 18.08 24.69 -2.71
N GLY A 85 17.64 23.74 -3.54
CA GLY A 85 16.38 23.07 -3.30
C GLY A 85 16.35 22.43 -1.94
N ASN A 86 15.35 22.79 -1.12
CA ASN A 86 15.13 22.15 0.17
C ASN A 86 13.74 22.45 0.70
N ILE A 87 13.35 21.80 1.79
CA ILE A 87 12.02 21.98 2.43
C ILE A 87 12.19 22.38 3.88
N TYR A 88 11.51 23.45 4.31
CA TYR A 88 11.61 23.92 5.69
C TYR A 88 10.29 24.37 6.31
N GLU A 89 10.24 24.26 7.63
CA GLU A 89 9.20 24.92 8.38
C GLU A 89 9.64 26.33 8.77
N PHE A 90 8.87 27.32 8.34
CA PHE A 90 9.10 28.70 8.73
C PHE A 90 7.91 29.25 9.50
N ASN A 91 8.16 30.27 10.32
CA ASN A 91 7.11 30.89 11.13
C ASN A 91 6.91 32.33 10.72
N ALA A 92 5.77 32.90 11.09
CA ALA A 92 5.53 34.33 10.91
C ALA A 92 6.61 35.13 11.64
N GLY A 93 7.16 36.14 10.97
CA GLY A 93 8.19 36.96 11.58
C GLY A 93 9.61 36.56 11.24
N ASP A 94 9.81 35.31 10.80
CA ASP A 94 11.11 34.87 10.32
C ASP A 94 11.53 35.73 9.15
N THR A 95 12.82 36.02 9.04
CA THR A 95 13.33 36.58 7.80
C THR A 95 14.17 35.51 7.13
N ILE A 96 14.13 35.48 5.81
CA ILE A 96 14.95 34.55 5.05
C ILE A 96 15.83 35.37 4.13
N GLU A 97 17.12 35.06 4.08
CA GLU A 97 18.00 35.83 3.23
C GLU A 97 19.13 34.98 2.69
N LEU A 98 19.54 35.25 1.46
CA LEU A 98 20.76 34.65 0.92
C LEU A 98 21.89 35.65 1.03
N ARG A 99 22.93 35.31 1.77
CA ARG A 99 24.02 36.25 2.05
C ARG A 99 25.33 35.78 1.45
N PHE A 100 26.19 36.72 1.08
CA PHE A 100 27.48 36.38 0.47
C PHE A 100 28.61 37.01 1.28
N ASN A 101 29.72 36.29 1.48
CA ASN A 101 30.91 36.88 2.08
C ASN A 101 31.41 38.09 1.28
N SER A 102 31.11 38.09 -0.02
CA SER A 102 31.36 39.23 -0.89
C SER A 102 30.49 39.06 -2.14
N ASP A 103 29.85 40.13 -2.59
CA ASP A 103 29.06 40.09 -3.82
C ASP A 103 29.84 39.56 -5.02
N ASP A 104 31.14 39.82 -5.03
CA ASP A 104 32.01 39.42 -6.14
C ASP A 104 32.32 37.92 -6.14
N GLN A 105 31.80 37.21 -5.15
CA GLN A 105 32.05 35.77 -5.01
C GLN A 105 31.15 34.94 -5.91
N VAL A 106 30.04 35.53 -6.35
CA VAL A 106 29.07 34.82 -7.17
C VAL A 106 28.82 35.53 -8.49
N LEU A 107 28.47 34.75 -9.51
CA LEU A 107 28.02 35.30 -10.78
C LEU A 107 26.53 35.64 -10.65
N LYS A 108 26.22 36.92 -10.53
CA LYS A 108 24.85 37.34 -10.25
C LYS A 108 23.88 36.94 -11.35
N THR A 109 24.38 36.86 -12.58
CA THR A 109 23.54 36.42 -13.71
C THR A 109 23.14 34.94 -13.59
N ASN A 110 23.83 34.21 -12.73
CA ASN A 110 23.61 32.77 -12.59
C ASN A 110 23.31 32.36 -11.15
N THR A 111 22.84 33.31 -10.35
CA THR A 111 22.57 33.09 -8.93
C THR A 111 21.20 33.69 -8.58
N TYR A 112 20.29 32.85 -8.10
CA TYR A 112 18.94 33.28 -7.79
C TYR A 112 18.38 32.38 -6.72
N PHE A 113 17.36 32.85 -6.03
CA PHE A 113 16.63 31.96 -5.15
C PHE A 113 15.17 32.29 -5.13
N GLY A 114 14.39 31.28 -4.82
CA GLY A 114 12.96 31.39 -4.78
C GLY A 114 12.43 30.58 -3.62
N ILE A 115 11.15 30.76 -3.35
CA ILE A 115 10.49 30.10 -2.24
C ILE A 115 9.02 29.98 -2.61
N ILE A 116 8.42 28.84 -2.26
CA ILE A 116 7.00 28.63 -2.48
C ILE A 116 6.39 28.04 -1.21
N LEU A 117 5.18 28.48 -0.87
CA LEU A 117 4.43 27.89 0.22
C LEU A 117 3.87 26.56 -0.24
N LEU A 118 4.17 25.49 0.50
CA LEU A 118 3.59 24.18 0.25
C LEU A 118 2.26 24.02 0.97
N ALA A 119 2.21 24.37 2.25
CA ALA A 119 0.99 24.30 3.05
C ALA A 119 1.17 24.98 4.40
N ASN A 120 0.07 25.41 5.02
CA ASN A 120 0.16 26.12 6.29
C ASN A 120 -0.93 25.76 7.29
N PRO A 121 -0.98 24.48 7.70
CA PRO A 121 -2.12 23.98 8.47
C PRO A 121 -2.19 24.59 9.88
N PRO B 5 -4.73 18.15 1.88
CA PRO B 5 -3.54 18.65 2.58
C PRO B 5 -3.17 17.71 3.73
N CYS B 6 -2.50 16.60 3.39
CA CYS B 6 -2.17 15.58 4.39
C CYS B 6 -0.78 15.82 4.97
N VAL B 7 -0.74 16.26 6.22
CA VAL B 7 0.52 16.64 6.85
C VAL B 7 0.56 16.20 8.32
N ALA B 8 1.70 15.68 8.73
CA ALA B 8 1.88 15.23 10.11
C ALA B 8 3.28 15.61 10.58
N LYS B 9 3.43 15.78 11.89
CA LYS B 9 4.67 16.28 12.48
C LYS B 9 4.79 15.72 13.89
N PHE B 10 5.96 15.14 14.19
CA PHE B 10 6.26 14.75 15.55
C PHE B 10 7.33 15.64 16.13
N GLY B 11 7.06 16.20 17.31
CA GLY B 11 7.97 17.10 17.96
C GLY B 11 7.78 18.55 17.53
N PRO B 12 8.62 19.45 18.03
CA PRO B 12 9.62 19.14 19.07
C PRO B 12 8.96 19.07 20.44
N SER B 13 9.63 18.47 21.40
CA SER B 13 9.16 18.42 22.78
C SER B 13 8.84 19.85 23.25
N PRO B 14 7.78 20.01 24.07
CA PRO B 14 6.90 19.00 24.66
C PRO B 14 5.75 18.56 23.76
N SER B 15 5.87 18.81 22.46
CA SER B 15 4.82 18.43 21.52
C SER B 15 5.07 17.03 20.96
N GLU B 16 3.97 16.31 20.69
CA GLU B 16 4.03 14.98 20.09
C GLU B 16 3.47 15.06 18.67
N TRP B 17 2.50 14.20 18.34
CA TRP B 17 1.95 14.21 16.98
C TRP B 17 0.95 15.32 16.75
N GLN B 18 1.18 16.11 15.71
CA GLN B 18 0.14 16.98 15.20
C GLN B 18 -0.22 16.44 13.84
N MET B 19 -1.47 16.62 13.44
CA MET B 19 -1.89 16.10 12.15
C MET B 19 -3.09 16.82 11.57
N ALA B 20 -3.05 17.06 10.28
CA ALA B 20 -4.23 17.52 9.56
C ALA B 20 -4.29 16.77 8.26
N SER B 21 -5.47 16.31 7.89
CA SER B 21 -5.67 15.67 6.60
C SER B 21 -7.16 15.54 6.29
N SER B 22 -7.46 15.18 5.05
CA SER B 22 -8.81 14.80 4.65
C SER B 22 -9.07 13.38 5.13
N GLU B 23 -10.19 12.79 4.71
CA GLU B 23 -10.47 11.39 5.05
C GLU B 23 -10.95 10.58 3.85
N SER B 25 -7.43 9.69 4.67
CA SER B 25 -6.16 10.27 5.08
C SER B 25 -4.98 9.43 4.58
N CYS B 26 -3.84 10.07 4.41
CA CYS B 26 -2.73 9.45 3.69
C CYS B 26 -1.79 8.70 4.60
N LEU B 27 -1.91 8.89 5.91
CA LEU B 27 -1.05 8.18 6.85
C LEU B 27 -1.71 7.82 8.17
N ASN B 28 -0.97 7.08 8.97
CA ASN B 28 -1.40 6.69 10.31
C ASN B 28 -0.20 6.75 11.24
N LYS B 29 -0.37 7.41 12.37
CA LYS B 29 0.70 7.50 13.35
C LYS B 29 0.70 6.20 14.13
N MET B 30 1.86 5.57 14.29
CA MET B 30 1.92 4.29 14.97
C MET B 30 2.37 4.45 16.41
N SER B 31 3.42 5.23 16.61
CA SER B 31 3.95 5.49 17.93
C SER B 31 4.90 6.66 17.78
N ASP B 32 5.59 7.03 18.85
CA ASP B 32 6.52 8.16 18.81
C ASP B 32 7.50 7.98 17.66
N TRP B 33 7.57 9.00 16.79
CA TRP B 33 8.54 9.05 15.71
C TRP B 33 8.28 8.04 14.57
N LYS B 34 7.12 7.41 14.56
CA LYS B 34 6.87 6.32 13.61
C LYS B 34 5.47 6.40 13.03
N LEU B 35 5.38 6.42 11.70
CA LEU B 35 4.08 6.47 11.05
C LEU B 35 3.96 5.47 9.92
N ARG B 36 2.73 5.27 9.46
CA ARG B 36 2.45 4.31 8.41
C ARG B 36 1.84 5.04 7.22
N ILE B 37 2.41 4.83 6.05
CA ILE B 37 1.92 5.43 4.82
C ILE B 37 0.68 4.67 4.35
N LEU B 38 -0.40 5.40 4.08
CA LEU B 38 -1.65 4.73 3.68
C LEU B 38 -2.05 5.04 2.25
N GLN B 39 -1.22 5.81 1.56
CA GLN B 39 -1.51 6.18 0.18
C GLN B 39 -0.20 6.28 -0.60
N ASN B 40 -0.14 5.57 -1.72
CA ASN B 40 0.98 5.69 -2.64
C ASN B 40 1.03 7.12 -3.11
N GLY B 41 2.22 7.66 -3.28
CA GLY B 41 2.31 9.02 -3.76
C GLY B 41 3.68 9.59 -3.55
N LEU B 42 3.79 10.88 -3.83
CA LEU B 42 5.02 11.60 -3.65
C LEU B 42 4.92 12.39 -2.36
N TYR B 43 5.94 12.29 -1.53
CA TYR B 43 5.91 12.94 -0.24
C TYR B 43 7.13 13.81 -0.04
N ALA B 44 6.97 14.84 0.77
CA ALA B 44 8.08 15.64 1.25
C ALA B 44 8.30 15.38 2.75
N ILE B 45 9.55 15.13 3.13
CA ILE B 45 9.92 15.04 4.55
C ILE B 45 10.59 16.34 4.99
N TYR B 46 10.35 16.77 6.23
CA TYR B 46 11.02 17.94 6.76
C TYR B 46 11.31 17.74 8.25
N GLY B 47 12.11 18.63 8.83
CA GLY B 47 12.44 18.48 10.23
C GLY B 47 13.88 18.78 10.51
N ARG B 48 14.27 18.61 11.78
CA ARG B 48 15.53 19.11 12.28
C ARG B 48 16.05 18.13 13.31
N VAL B 49 17.34 17.81 13.25
CA VAL B 49 17.99 17.02 14.29
C VAL B 49 19.09 17.85 14.94
N THR B 50 18.86 18.24 16.19
CA THR B 50 19.83 19.03 16.94
C THR B 50 20.54 18.15 17.96
N PRO B 51 21.77 17.71 17.62
CA PRO B 51 22.54 16.80 18.48
C PRO B 51 22.75 17.38 19.88
N ASN B 52 22.88 16.49 20.87
CA ASN B 52 23.16 16.91 22.24
C ASN B 52 24.66 17.13 22.37
N PRO B 53 25.07 18.35 22.76
CA PRO B 53 26.49 18.68 22.90
C PRO B 53 27.13 17.93 24.06
N THR B 54 26.34 17.66 25.09
CA THR B 54 26.86 17.06 26.31
C THR B 54 26.40 15.61 26.45
N TYR B 55 26.36 14.88 25.35
CA TYR B 55 26.05 13.46 25.43
C TYR B 55 27.17 12.72 26.15
N LYS B 56 26.82 12.02 27.23
CA LYS B 56 27.79 11.29 28.04
C LYS B 56 27.55 9.79 27.98
N GLY B 57 27.43 9.25 26.76
CA GLY B 57 27.16 7.84 26.56
C GLY B 57 28.10 7.20 25.56
N PHE B 58 28.28 5.89 25.70
CA PHE B 58 29.31 5.16 24.95
C PHE B 58 28.86 4.68 23.57
N ALA B 59 27.70 5.15 23.12
CA ALA B 59 27.15 4.77 21.82
C ALA B 59 27.46 5.83 20.76
N PRO B 60 27.78 5.39 19.53
CA PRO B 60 28.14 6.32 18.45
C PRO B 60 26.91 7.10 17.96
N PHE B 61 27.08 8.40 17.76
CA PHE B 61 26.00 9.23 17.27
C PHE B 61 25.52 8.72 15.92
N GLU B 62 24.26 8.32 15.86
CA GLU B 62 23.65 7.94 14.60
C GLU B 62 22.14 8.13 14.67
N VAL B 63 21.65 9.00 13.81
CA VAL B 63 20.23 9.20 13.66
C VAL B 63 19.89 8.72 12.26
N GLN B 64 18.87 7.90 12.14
CA GLN B 64 18.43 7.47 10.81
C GLN B 64 16.94 7.70 10.61
N LEU B 65 16.58 8.11 9.41
CA LEU B 65 15.21 8.07 8.98
C LEU B 65 15.07 6.77 8.21
N CYS B 66 14.11 5.95 8.60
CA CYS B 66 14.01 4.60 8.09
C CYS B 66 12.74 4.40 7.30
N LYS B 67 12.86 3.78 6.14
CA LYS B 67 11.70 3.38 5.36
C LYS B 67 11.65 1.86 5.42
N ASN B 68 10.80 1.35 6.30
CA ASN B 68 10.73 -0.08 6.57
C ASN B 68 12.07 -0.64 7.05
N ASP B 70 15.23 0.04 5.76
CA ASP B 70 16.07 0.86 4.89
C ASP B 70 16.24 2.28 5.42
N ALA B 71 17.43 2.61 5.91
CA ALA B 71 17.74 4.01 6.18
C ALA B 71 17.73 4.75 4.85
N ILE B 72 16.97 5.83 4.78
CA ILE B 72 16.98 6.68 3.59
C ILE B 72 17.71 7.98 3.89
N GLN B 73 18.01 8.20 5.17
CA GLN B 73 18.82 9.33 5.60
C GLN B 73 19.54 9.01 6.91
N THR B 74 20.87 8.98 6.87
CA THR B 74 21.68 8.63 8.03
C THR B 74 22.51 9.82 8.46
N LEU B 75 22.50 10.13 9.75
CA LEU B 75 23.26 11.26 10.27
C LEU B 75 24.28 10.77 11.30
N THR B 76 25.56 11.00 11.03
CA THR B 76 26.62 10.47 11.88
C THR B 76 27.61 11.53 12.38
N ASP B 77 27.28 12.80 12.17
CA ASP B 77 28.11 13.92 12.60
C ASP B 77 27.46 14.69 13.75
N SER B 78 27.94 14.43 14.97
CA SER B 78 27.32 14.98 16.17
C SER B 78 27.68 16.43 16.43
N SER B 79 28.36 17.07 15.49
CA SER B 79 28.74 18.46 15.68
C SER B 79 27.86 19.44 14.92
N LYS B 80 26.87 18.93 14.20
CA LYS B 80 26.06 19.78 13.34
C LYS B 80 24.55 19.58 13.50
N ILE B 81 23.82 20.68 13.60
CA ILE B 81 22.38 20.68 13.47
C ILE B 81 22.03 20.35 12.03
N GLN B 82 21.17 19.36 11.85
CA GLN B 82 20.94 18.77 10.55
C GLN B 82 19.50 18.93 10.12
N ASN B 83 19.31 19.23 8.84
CA ASN B 83 18.00 19.35 8.22
C ASN B 83 17.56 17.99 7.69
N LEU B 84 16.27 17.71 7.75
CA LEU B 84 15.75 16.45 7.22
C LEU B 84 14.97 16.61 5.90
N GLY B 85 14.81 17.86 5.45
CA GLY B 85 14.06 18.15 4.23
C GLY B 85 14.40 17.30 3.02
N ASN B 86 13.40 16.65 2.44
CA ASN B 86 13.63 15.86 1.22
C ASN B 86 12.35 15.39 0.57
N ILE B 87 12.47 14.77 -0.59
CA ILE B 87 11.31 14.29 -1.34
C ILE B 87 11.50 12.83 -1.72
N TYR B 88 10.46 12.03 -1.52
CA TYR B 88 10.50 10.58 -1.73
C TYR B 88 9.18 10.07 -2.30
N GLU B 89 9.25 9.00 -3.07
CA GLU B 89 8.07 8.24 -3.42
C GLU B 89 7.90 7.11 -2.43
N PHE B 90 6.74 7.06 -1.78
CA PHE B 90 6.43 5.99 -0.83
C PHE B 90 5.21 5.22 -1.30
N ASN B 91 5.05 4.00 -0.81
CA ASN B 91 3.90 3.19 -1.15
C ASN B 91 3.04 2.90 0.06
N ALA B 92 1.73 2.74 -0.15
CA ALA B 92 0.83 2.33 0.93
C ALA B 92 1.41 1.12 1.63
N GLY B 93 1.44 1.14 2.95
CA GLY B 93 2.02 0.04 3.68
C GLY B 93 3.37 0.38 4.30
N ASP B 94 4.16 1.20 3.62
CA ASP B 94 5.45 1.62 4.14
C ASP B 94 5.35 2.21 5.55
N THR B 95 6.39 1.98 6.34
CA THR B 95 6.49 2.54 7.68
C THR B 95 7.65 3.52 7.69
N ILE B 96 7.39 4.75 8.12
CA ILE B 96 8.44 5.76 8.20
C ILE B 96 8.78 6.02 9.66
N GLU B 97 10.06 5.92 10.01
CA GLU B 97 10.50 6.09 11.38
C GLU B 97 11.82 6.83 11.53
N LEU B 98 11.85 7.82 12.42
CA LEU B 98 13.09 8.48 12.80
C LEU B 98 13.62 7.81 14.06
N ARG B 99 14.78 7.15 13.91
CA ARG B 99 15.38 6.32 14.95
C ARG B 99 16.64 7.01 15.45
N PHE B 100 16.93 6.86 16.74
CA PHE B 100 18.14 7.42 17.33
C PHE B 100 18.86 6.31 18.05
N ASN B 101 20.18 6.25 17.90
CA ASN B 101 20.97 5.20 18.54
C ASN B 101 20.86 5.26 20.06
N SER B 102 20.59 6.47 20.56
CA SER B 102 20.24 6.68 21.95
C SER B 102 19.42 7.95 22.01
N ASP B 103 18.38 7.97 22.83
CA ASP B 103 17.51 9.15 22.91
C ASP B 103 18.29 10.37 23.37
N ASP B 104 19.34 10.13 24.14
CA ASP B 104 20.12 11.20 24.74
C ASP B 104 21.10 11.85 23.77
N GLN B 105 21.13 11.37 22.53
CA GLN B 105 22.08 11.88 21.57
C GLN B 105 21.64 13.19 20.95
N VAL B 106 20.33 13.42 20.97
CA VAL B 106 19.74 14.60 20.34
C VAL B 106 19.08 15.50 21.38
N LEU B 107 18.88 16.76 21.02
CA LEU B 107 18.09 17.67 21.85
C LEU B 107 16.65 17.59 21.38
N LYS B 108 15.78 16.99 22.18
CA LYS B 108 14.40 16.72 21.76
C LYS B 108 13.53 17.97 21.72
N THR B 109 14.00 19.04 22.34
CA THR B 109 13.28 20.30 22.36
C THR B 109 13.51 21.08 21.06
N ASN B 110 14.52 20.67 20.30
CA ASN B 110 14.80 21.23 18.99
C ASN B 110 14.98 20.16 17.92
N THR B 111 14.28 19.04 18.08
CA THR B 111 14.36 17.93 17.13
C THR B 111 12.97 17.47 16.74
N TYR B 112 12.63 17.61 15.46
CA TYR B 112 11.30 17.22 15.00
C TYR B 112 11.37 16.63 13.60
N PHE B 113 10.33 15.92 13.20
CA PHE B 113 10.20 15.59 11.78
C PHE B 113 8.75 15.54 11.37
N GLY B 114 8.51 15.82 10.10
CA GLY B 114 7.17 15.82 9.58
C GLY B 114 7.18 15.31 8.18
N ILE B 115 5.98 15.20 7.60
CA ILE B 115 5.80 14.65 6.27
C ILE B 115 4.56 15.28 5.67
N ILE B 116 4.55 15.44 4.36
CA ILE B 116 3.35 15.92 3.69
C ILE B 116 3.19 15.26 2.32
N LEU B 117 1.97 14.89 1.97
CA LEU B 117 1.68 14.37 0.64
C LEU B 117 1.72 15.50 -0.38
N LEU B 118 2.60 15.39 -1.37
CA LEU B 118 2.67 16.37 -2.44
C LEU B 118 1.73 15.99 -3.57
N ALA B 119 1.76 14.72 -3.96
CA ALA B 119 0.85 14.27 -5.00
C ALA B 119 0.72 12.76 -5.05
N ASN B 120 -0.36 12.31 -5.67
CA ASN B 120 -0.54 10.91 -5.99
C ASN B 120 -0.78 10.71 -7.47
N PRO B 121 0.26 10.35 -8.22
CA PRO B 121 0.13 9.97 -9.62
C PRO B 121 -0.87 8.82 -9.79
N PRO C 5 -3.70 -12.73 17.06
CA PRO C 5 -4.60 -12.53 15.93
C PRO C 5 -5.07 -11.08 15.85
N CYS C 6 -5.24 -10.61 14.64
CA CYS C 6 -5.72 -9.25 14.40
C CYS C 6 -7.13 -9.35 13.86
N VAL C 7 -8.11 -9.05 14.70
CA VAL C 7 -9.50 -9.30 14.37
C VAL C 7 -10.37 -8.16 14.91
N ALA C 8 -11.47 -7.88 14.23
CA ALA C 8 -12.38 -6.82 14.64
C ALA C 8 -13.77 -7.23 14.23
N LYS C 9 -14.79 -6.73 14.92
CA LYS C 9 -16.16 -7.10 14.60
C LYS C 9 -17.12 -6.03 15.11
N PHE C 10 -18.07 -5.64 14.25
CA PHE C 10 -19.07 -4.65 14.63
C PHE C 10 -20.45 -5.28 14.71
N GLY C 11 -21.11 -5.10 15.84
CA GLY C 11 -22.43 -5.66 16.06
C GLY C 11 -22.32 -7.11 16.45
N PRO C 12 -23.47 -7.81 16.58
CA PRO C 12 -24.80 -7.22 16.39
C PRO C 12 -25.20 -6.37 17.57
N SER C 13 -26.21 -5.54 17.39
CA SER C 13 -26.77 -4.70 18.44
C SER C 13 -27.08 -5.56 19.67
N PRO C 14 -26.79 -5.07 20.88
CA PRO C 14 -26.31 -3.73 21.27
C PRO C 14 -24.81 -3.44 21.07
N SER C 15 -23.99 -4.47 20.91
CA SER C 15 -22.54 -4.30 20.77
C SER C 15 -22.14 -3.45 19.55
N GLU C 16 -21.04 -2.70 19.70
CA GLU C 16 -20.49 -1.92 18.59
C GLU C 16 -19.20 -2.57 18.09
N TRP C 17 -18.06 -1.89 18.22
CA TRP C 17 -16.78 -2.47 17.83
C TRP C 17 -16.15 -3.37 18.91
N GLN C 18 -15.78 -4.59 18.53
CA GLN C 18 -14.92 -5.44 19.36
C GLN C 18 -13.68 -5.67 18.54
N MET C 19 -12.52 -5.59 19.18
CA MET C 19 -11.25 -5.68 18.45
C MET C 19 -10.20 -6.43 19.26
N ALA C 20 -9.37 -7.22 18.59
CA ALA C 20 -8.23 -7.86 19.26
C ALA C 20 -6.91 -7.36 18.69
N SER C 25 -0.97 -3.24 14.85
CA SER C 25 -2.30 -3.62 14.38
C SER C 25 -2.49 -3.38 12.87
N CYS C 26 -3.46 -4.09 12.30
CA CYS C 26 -3.68 -4.09 10.86
C CYS C 26 -4.88 -3.23 10.46
N LEU C 27 -5.51 -2.61 11.44
CA LEU C 27 -6.71 -1.85 11.16
C LEU C 27 -7.07 -0.89 12.27
N ASN C 28 -7.76 0.18 11.91
CA ASN C 28 -8.38 1.05 12.91
C ASN C 28 -9.84 1.25 12.53
N LYS C 29 -10.72 1.22 13.51
CA LYS C 29 -12.12 1.50 13.27
C LYS C 29 -12.25 2.99 12.94
N MET C 30 -13.25 3.35 12.14
CA MET C 30 -13.45 4.75 11.78
C MET C 30 -14.78 5.28 12.29
N SER C 31 -15.82 4.45 12.16
CA SER C 31 -17.13 4.77 12.69
C SER C 31 -17.93 3.47 12.69
N ASP C 32 -19.24 3.56 12.82
CA ASP C 32 -20.06 2.35 12.85
C ASP C 32 -19.97 1.68 11.49
N TRP C 33 -19.73 0.37 11.50
CA TRP C 33 -19.68 -0.43 10.27
C TRP C 33 -18.50 -0.11 9.36
N LYS C 34 -17.52 0.63 9.85
CA LYS C 34 -16.47 1.11 8.96
C LYS C 34 -15.08 1.07 9.60
N LEU C 35 -14.13 0.54 8.85
CA LEU C 35 -12.75 0.41 9.32
C LEU C 35 -11.74 0.70 8.20
N ARG C 36 -10.50 1.00 8.60
CA ARG C 36 -9.44 1.23 7.64
C ARG C 36 -8.47 0.06 7.73
N ILE C 37 -8.08 -0.50 6.59
CA ILE C 37 -7.01 -1.48 6.56
C ILE C 37 -5.71 -0.70 6.70
N LEU C 38 -4.78 -1.21 7.51
CA LEU C 38 -3.52 -0.53 7.76
C LEU C 38 -2.33 -1.29 7.23
N GLN C 39 -2.55 -2.52 6.80
CA GLN C 39 -1.46 -3.35 6.32
C GLN C 39 -1.90 -4.10 5.08
N ASN C 40 -1.05 -4.14 4.06
CA ASN C 40 -1.24 -5.03 2.93
C ASN C 40 -1.32 -6.46 3.45
N GLY C 41 -2.26 -7.25 2.94
CA GLY C 41 -2.38 -8.61 3.42
C GLY C 41 -3.57 -9.36 2.87
N LEU C 42 -3.75 -10.59 3.34
CA LEU C 42 -4.88 -11.41 2.94
C LEU C 42 -5.81 -11.54 4.14
N TYR C 43 -7.06 -11.15 3.95
CA TYR C 43 -8.02 -11.10 5.05
C TYR C 43 -9.20 -11.99 4.78
N ALA C 44 -9.77 -12.54 5.85
CA ALA C 44 -11.08 -13.18 5.75
C ALA C 44 -12.10 -12.22 6.34
N ILE C 45 -13.18 -12.03 5.62
CA ILE C 45 -14.35 -11.35 6.10
C ILE C 45 -15.32 -12.42 6.56
N TYR C 46 -16.09 -12.15 7.60
CA TYR C 46 -17.15 -13.04 8.02
C TYR C 46 -18.34 -12.18 8.44
N GLY C 47 -19.54 -12.74 8.42
CA GLY C 47 -20.69 -11.94 8.80
C GLY C 47 -22.06 -12.49 8.46
N ARG C 48 -23.07 -11.85 9.03
CA ARG C 48 -24.45 -12.24 8.83
C ARG C 48 -25.26 -10.97 8.58
N VAL C 49 -26.07 -10.98 7.54
CA VAL C 49 -27.01 -9.90 7.31
C VAL C 49 -28.43 -10.46 7.39
N THR C 50 -29.17 -10.06 8.42
CA THR C 50 -30.57 -10.47 8.58
C THR C 50 -31.51 -9.35 8.14
N PRO C 51 -32.28 -9.58 7.05
CA PRO C 51 -33.17 -8.54 6.55
C PRO C 51 -34.37 -8.31 7.47
N ASN C 52 -34.72 -7.04 7.69
CA ASN C 52 -35.97 -6.70 8.39
C ASN C 52 -37.11 -7.21 7.53
N PRO C 53 -37.99 -8.04 8.11
CA PRO C 53 -39.14 -8.61 7.39
C PRO C 53 -40.31 -7.64 7.37
N THR C 54 -40.33 -6.72 8.33
CA THR C 54 -41.40 -5.75 8.45
C THR C 54 -40.98 -4.40 7.90
N TYR C 55 -39.82 -4.36 7.23
CA TYR C 55 -39.37 -3.14 6.58
C TYR C 55 -40.47 -2.71 5.61
N LYS C 56 -41.06 -1.56 5.87
CA LYS C 56 -42.19 -1.07 5.08
C LYS C 56 -41.77 0.08 4.17
N GLY C 57 -40.48 0.37 4.14
CA GLY C 57 -39.96 1.55 3.48
C GLY C 57 -39.98 1.54 1.97
N PHE C 58 -39.61 2.67 1.38
CA PHE C 58 -39.66 2.85 -0.07
C PHE C 58 -38.31 3.14 -0.69
N ALA C 59 -37.26 2.63 -0.06
CA ALA C 59 -35.96 2.49 -0.70
C ALA C 59 -35.78 0.99 -0.91
N PRO C 60 -35.35 0.60 -2.12
CA PRO C 60 -35.19 -0.83 -2.40
C PRO C 60 -34.19 -1.47 -1.45
N PHE C 61 -34.44 -2.73 -1.10
CA PHE C 61 -33.56 -3.45 -0.19
C PHE C 61 -32.21 -3.72 -0.85
N GLU C 62 -31.15 -3.10 -0.32
CA GLU C 62 -29.80 -3.39 -0.77
C GLU C 62 -28.75 -3.16 0.31
N VAL C 63 -27.87 -4.13 0.48
CA VAL C 63 -26.74 -4.03 1.39
C VAL C 63 -25.47 -4.22 0.58
N GLN C 64 -24.43 -3.44 0.87
CA GLN C 64 -23.15 -3.64 0.20
C GLN C 64 -21.97 -3.69 1.15
N LEU C 65 -21.11 -4.68 0.94
CA LEU C 65 -19.78 -4.63 1.52
C LEU C 65 -18.94 -3.91 0.49
N CYS C 66 -18.41 -2.74 0.84
CA CYS C 66 -17.66 -1.91 -0.08
C CYS C 66 -16.19 -1.85 0.30
N LYS C 67 -15.30 -2.03 -0.68
CA LYS C 67 -13.89 -1.71 -0.47
C LYS C 67 -13.64 -0.41 -1.21
N ASN C 68 -13.27 0.63 -0.46
CA ASN C 68 -13.21 1.97 -1.03
C ASN C 68 -14.54 2.25 -1.71
N LYS C 69 -14.52 2.84 -2.90
CA LYS C 69 -15.79 3.15 -3.56
C LYS C 69 -16.42 1.95 -4.29
N ASP C 70 -15.98 0.73 -4.00
CA ASP C 70 -16.43 -0.41 -4.80
C ASP C 70 -17.04 -1.55 -3.98
N ALA C 71 -18.28 -1.89 -4.27
CA ALA C 71 -18.94 -3.00 -3.61
C ALA C 71 -18.27 -4.34 -3.97
N ILE C 72 -17.69 -5.01 -2.98
CA ILE C 72 -17.07 -6.32 -3.23
C ILE C 72 -18.05 -7.44 -2.92
N GLN C 73 -19.18 -7.08 -2.32
CA GLN C 73 -20.31 -7.98 -2.20
C GLN C 73 -21.61 -7.18 -2.24
N THR C 74 -22.59 -7.66 -2.99
CA THR C 74 -23.86 -6.96 -3.10
C THR C 74 -24.99 -7.90 -2.71
N LEU C 75 -25.92 -7.41 -1.89
CA LEU C 75 -27.04 -8.21 -1.41
C LEU C 75 -28.37 -7.55 -1.75
N THR C 76 -29.17 -8.22 -2.57
CA THR C 76 -30.46 -7.67 -2.96
C THR C 76 -31.63 -8.55 -2.51
N ASP C 77 -31.36 -9.81 -2.19
CA ASP C 77 -32.40 -10.73 -1.75
C ASP C 77 -32.84 -10.43 -0.32
N SER C 78 -34.03 -9.88 -0.19
CA SER C 78 -34.57 -9.46 1.10
C SER C 78 -35.26 -10.60 1.85
N SER C 79 -35.32 -11.78 1.24
CA SER C 79 -36.08 -12.88 1.82
C SER C 79 -35.27 -13.75 2.78
N LYS C 80 -33.96 -13.87 2.56
CA LYS C 80 -33.13 -14.80 3.32
C LYS C 80 -32.04 -14.13 4.14
N ILE C 81 -31.64 -14.80 5.23
CA ILE C 81 -30.45 -14.43 5.98
C ILE C 81 -29.20 -14.79 5.18
N GLN C 82 -28.29 -13.83 5.03
CA GLN C 82 -27.13 -14.01 4.16
C GLN C 82 -25.81 -13.90 4.91
N ASN C 83 -24.88 -14.80 4.59
CA ASN C 83 -23.55 -14.83 5.16
C ASN C 83 -22.58 -13.97 4.35
N LEU C 84 -21.66 -13.29 5.03
CA LEU C 84 -20.68 -12.45 4.36
C LEU C 84 -19.29 -13.08 4.20
N GLY C 85 -19.14 -14.34 4.63
CA GLY C 85 -17.85 -15.02 4.61
C GLY C 85 -17.18 -14.97 3.25
N ASN C 86 -15.94 -14.50 3.20
CA ASN C 86 -15.14 -14.55 1.97
C ASN C 86 -13.69 -14.20 2.24
N ILE C 87 -12.84 -14.39 1.23
CA ILE C 87 -11.42 -14.13 1.35
C ILE C 87 -11.02 -13.06 0.36
N TYR C 88 -10.35 -12.03 0.85
CA TYR C 88 -9.93 -10.91 0.02
C TYR C 88 -8.50 -10.50 0.31
N GLU C 89 -7.79 -10.06 -0.72
CA GLU C 89 -6.54 -9.32 -0.52
C GLU C 89 -6.87 -7.82 -0.42
N PHE C 90 -6.40 -7.18 0.65
CA PHE C 90 -6.64 -5.75 0.83
C PHE C 90 -5.29 -5.05 0.93
N ASN C 91 -5.23 -3.80 0.47
CA ASN C 91 -4.03 -3.00 0.63
C ASN C 91 -4.14 -2.05 1.81
N ALA C 92 -2.99 -1.66 2.38
CA ALA C 92 -2.97 -0.62 3.40
C ALA C 92 -3.64 0.65 2.86
N GLY C 93 -4.55 1.22 3.64
CA GLY C 93 -5.26 2.39 3.17
C GLY C 93 -6.63 2.10 2.58
N ASP C 94 -6.92 0.83 2.33
CA ASP C 94 -8.25 0.43 1.89
C ASP C 94 -9.29 0.76 2.94
N THR C 95 -10.47 1.18 2.51
CA THR C 95 -11.56 1.43 3.44
C THR C 95 -12.66 0.38 3.25
N ILE C 96 -12.98 -0.37 4.32
CA ILE C 96 -14.02 -1.39 4.23
C ILE C 96 -15.25 -1.00 5.05
N GLU C 97 -16.41 -0.99 4.41
CA GLU C 97 -17.65 -0.58 5.04
C GLU C 97 -18.80 -1.49 4.66
N LEU C 98 -19.67 -1.81 5.62
CA LEU C 98 -20.96 -2.43 5.34
C LEU C 98 -22.03 -1.35 5.28
N ARG C 99 -22.53 -1.10 4.07
CA ARG C 99 -23.47 -0.01 3.83
C ARG C 99 -24.88 -0.55 3.64
N PHE C 100 -25.86 0.21 4.11
CA PHE C 100 -27.26 -0.16 3.99
C PHE C 100 -28.00 0.96 3.27
N ASN C 101 -28.84 0.59 2.30
CA ASN C 101 -29.65 1.56 1.58
C ASN C 101 -30.58 2.33 2.52
N SER C 102 -30.86 1.70 3.65
CA SER C 102 -31.59 2.31 4.75
C SER C 102 -31.22 1.50 5.98
N ASP C 103 -31.19 2.13 7.15
CA ASP C 103 -30.83 1.41 8.37
C ASP C 103 -31.93 0.42 8.77
N ASP C 104 -33.16 0.76 8.43
CA ASP C 104 -34.34 -0.02 8.83
C ASP C 104 -34.48 -1.35 8.08
N GLN C 105 -33.66 -1.56 7.05
CA GLN C 105 -33.81 -2.74 6.20
C GLN C 105 -33.29 -4.00 6.85
N VAL C 106 -32.56 -3.84 7.96
CA VAL C 106 -31.98 -4.99 8.67
C VAL C 106 -32.34 -5.00 10.15
N LEU C 107 -32.39 -6.21 10.72
CA LEU C 107 -32.55 -6.38 12.15
C LEU C 107 -31.18 -6.31 12.82
N LYS C 108 -30.95 -5.29 13.64
CA LYS C 108 -29.60 -5.04 14.16
C LYS C 108 -29.10 -6.09 15.17
N THR C 109 -30.03 -6.74 15.87
CA THR C 109 -29.68 -7.78 16.83
C THR C 109 -29.18 -9.07 16.16
N ASN C 110 -29.33 -9.15 14.84
CA ASN C 110 -28.85 -10.31 14.10
C ASN C 110 -28.08 -9.94 12.85
N THR C 111 -27.45 -8.77 12.86
CA THR C 111 -26.63 -8.31 11.75
C THR C 111 -25.28 -7.81 12.26
N TYR C 112 -24.21 -8.27 11.62
CA TYR C 112 -22.86 -7.96 12.07
C TYR C 112 -21.81 -8.34 11.01
N PHE C 113 -20.66 -7.68 11.03
CA PHE C 113 -19.52 -8.20 10.25
C PHE C 113 -18.19 -8.08 10.97
N GLY C 114 -17.24 -8.92 10.58
CA GLY C 114 -15.91 -8.88 11.14
C GLY C 114 -14.86 -9.20 10.10
N ILE C 115 -13.60 -9.02 10.47
CA ILE C 115 -12.50 -9.26 9.55
C ILE C 115 -11.30 -9.80 10.33
N ILE C 116 -10.53 -10.67 9.69
CA ILE C 116 -9.35 -11.23 10.34
C ILE C 116 -8.19 -11.28 9.35
N LEU C 117 -7.00 -10.88 9.81
CA LEU C 117 -5.81 -10.99 8.99
C LEU C 117 -5.33 -12.43 8.93
N LEU C 118 -5.24 -12.97 7.72
CA LEU C 118 -4.75 -14.33 7.51
C LEU C 118 -3.24 -14.37 7.33
N ALA C 119 -2.70 -13.42 6.57
CA ALA C 119 -1.28 -13.41 6.27
C ALA C 119 -0.87 -12.12 5.59
N ASN C 120 0.43 -11.81 5.65
CA ASN C 120 1.01 -10.72 4.87
C ASN C 120 2.03 -11.30 3.90
N PRO C 121 1.58 -11.71 2.70
CA PRO C 121 2.38 -12.40 1.68
C PRO C 121 3.84 -11.97 1.55
N GLN C 122 4.11 -10.67 1.46
CA GLN C 122 5.48 -10.19 1.23
C GLN C 122 6.11 -10.81 -0.03
N PRO D 5 4.79 -17.38 5.33
CA PRO D 5 5.51 -18.01 4.22
C PRO D 5 4.57 -18.63 3.18
N CYS D 6 5.18 -19.37 2.26
CA CYS D 6 4.52 -20.02 1.12
C CYS D 6 3.25 -19.42 0.53
N VAL D 7 3.45 -18.44 -0.34
CA VAL D 7 2.38 -17.78 -1.05
C VAL D 7 2.83 -17.59 -2.50
N ALA D 8 1.89 -17.63 -3.44
CA ALA D 8 2.20 -17.33 -4.83
C ALA D 8 1.04 -16.58 -5.44
N LYS D 9 1.35 -15.67 -6.35
CA LYS D 9 0.33 -14.87 -7.01
C LYS D 9 0.71 -14.67 -8.46
N PHE D 10 -0.24 -14.86 -9.36
CA PHE D 10 0.00 -14.49 -10.76
C PHE D 10 -0.89 -13.32 -11.15
N GLY D 11 -0.33 -12.34 -11.83
CA GLY D 11 -1.11 -11.22 -12.31
C GLY D 11 -1.26 -10.16 -11.25
N PRO D 12 -1.96 -9.07 -11.56
CA PRO D 12 -2.46 -8.80 -12.91
C PRO D 12 -1.34 -8.25 -13.78
N SER D 13 -1.49 -8.35 -15.10
CA SER D 13 -0.45 -7.92 -16.04
C SER D 13 -0.06 -6.45 -15.81
N PRO D 14 1.21 -6.10 -16.07
CA PRO D 14 2.25 -6.95 -16.65
C PRO D 14 3.01 -7.85 -15.67
N SER D 15 2.51 -8.02 -14.46
CA SER D 15 3.14 -8.97 -13.54
C SER D 15 2.84 -10.41 -13.94
N GLU D 16 3.83 -11.27 -13.75
CA GLU D 16 3.63 -12.71 -13.94
C GLU D 16 3.55 -13.38 -12.57
N TRP D 17 4.44 -14.33 -12.31
CA TRP D 17 4.43 -15.02 -11.02
C TRP D 17 5.17 -14.26 -9.92
N GLN D 18 4.56 -14.21 -8.75
CA GLN D 18 5.17 -13.62 -7.58
C GLN D 18 5.13 -14.63 -6.43
N MET D 19 6.22 -14.71 -5.68
CA MET D 19 6.36 -15.67 -4.58
C MET D 19 7.21 -15.08 -3.46
N SER D 25 9.72 -24.39 -1.06
CA SER D 25 8.36 -23.96 -0.74
C SER D 25 7.36 -25.11 -0.82
N CYS D 26 6.08 -24.80 -0.75
CA CYS D 26 5.04 -25.80 -0.86
C CYS D 26 4.51 -25.87 -2.30
N LEU D 27 5.13 -25.11 -3.18
CA LEU D 27 4.68 -25.02 -4.57
C LEU D 27 5.76 -24.54 -5.53
N ASN D 28 5.63 -24.93 -6.80
CA ASN D 28 6.46 -24.40 -7.87
C ASN D 28 5.59 -23.89 -9.00
N LYS D 29 5.98 -22.78 -9.60
CA LYS D 29 5.30 -22.27 -10.78
C LYS D 29 5.62 -23.17 -11.96
N MET D 30 4.66 -23.36 -12.85
CA MET D 30 4.86 -24.25 -13.99
C MET D 30 4.85 -23.45 -15.28
N SER D 31 3.75 -22.72 -15.49
CA SER D 31 3.63 -21.77 -16.59
C SER D 31 2.68 -20.69 -16.15
N ASP D 32 2.35 -19.75 -17.03
CA ASP D 32 1.43 -18.68 -16.68
C ASP D 32 0.13 -19.27 -16.16
N TRP D 33 -0.29 -18.80 -14.99
CA TRP D 33 -1.57 -19.18 -14.37
C TRP D 33 -1.56 -20.59 -13.78
N LYS D 34 -0.41 -21.25 -13.82
CA LYS D 34 -0.35 -22.65 -13.40
C LYS D 34 0.77 -22.92 -12.40
N LEU D 35 0.47 -23.67 -11.36
CA LEU D 35 1.48 -24.14 -10.44
C LEU D 35 1.25 -25.59 -10.00
N ARG D 36 2.26 -26.17 -9.37
CA ARG D 36 2.19 -27.51 -8.82
C ARG D 36 2.30 -27.46 -7.30
N ILE D 37 1.38 -28.13 -6.61
CA ILE D 37 1.41 -28.27 -5.16
C ILE D 37 2.41 -29.33 -4.69
N LEU D 38 3.22 -28.99 -3.69
CA LEU D 38 4.24 -29.92 -3.21
C LEU D 38 3.97 -30.48 -1.81
N GLN D 39 2.86 -30.07 -1.21
CA GLN D 39 2.52 -30.43 0.15
C GLN D 39 1.04 -30.64 0.32
N ASN D 40 0.64 -31.73 0.98
CA ASN D 40 -0.75 -31.88 1.36
C ASN D 40 -1.12 -30.73 2.29
N GLY D 41 -2.35 -30.24 2.18
CA GLY D 41 -2.78 -29.20 3.09
C GLY D 41 -4.01 -28.40 2.68
N LEU D 42 -4.37 -27.47 3.56
CA LEU D 42 -5.45 -26.51 3.32
C LEU D 42 -4.88 -25.22 2.78
N TYR D 43 -5.35 -24.81 1.62
CA TYR D 43 -4.87 -23.60 0.97
C TYR D 43 -5.99 -22.60 0.80
N ALA D 44 -5.65 -21.31 0.84
CA ALA D 44 -6.58 -20.26 0.46
C ALA D 44 -6.25 -19.83 -0.97
N ILE D 45 -7.29 -19.68 -1.78
CA ILE D 45 -7.18 -19.05 -3.09
C ILE D 45 -7.81 -17.68 -2.95
N TYR D 46 -7.20 -16.69 -3.60
CA TYR D 46 -7.79 -15.36 -3.64
C TYR D 46 -7.50 -14.80 -5.03
N GLY D 47 -8.16 -13.73 -5.38
CA GLY D 47 -7.99 -13.17 -6.69
C GLY D 47 -9.30 -12.68 -7.24
N ARG D 48 -9.25 -12.17 -8.46
CA ARG D 48 -10.45 -11.69 -9.12
C ARG D 48 -10.33 -11.92 -10.62
N VAL D 49 -11.48 -12.01 -11.27
CA VAL D 49 -11.55 -12.12 -12.73
C VAL D 49 -12.44 -11.00 -13.23
N THR D 50 -11.91 -10.20 -14.16
CA THR D 50 -12.70 -9.15 -14.79
C THR D 50 -12.95 -9.53 -16.26
N PRO D 51 -14.21 -9.80 -16.61
CA PRO D 51 -14.52 -10.15 -18.01
C PRO D 51 -14.26 -8.96 -18.92
N ASN D 52 -13.89 -9.26 -20.16
CA ASN D 52 -13.73 -8.25 -21.20
C ASN D 52 -15.08 -7.98 -21.82
N PRO D 53 -15.60 -6.75 -21.64
CA PRO D 53 -16.92 -6.39 -22.15
C PRO D 53 -17.00 -6.37 -23.67
N THR D 54 -15.86 -6.24 -24.35
CA THR D 54 -15.84 -6.16 -25.81
C THR D 54 -15.66 -7.51 -26.51
N TYR D 55 -15.44 -8.57 -25.73
CA TYR D 55 -15.17 -9.91 -26.30
C TYR D 55 -16.21 -10.33 -27.35
N LYS D 56 -15.73 -10.73 -28.53
CA LYS D 56 -16.60 -11.09 -29.65
C LYS D 56 -16.30 -12.49 -30.18
N GLY D 57 -15.63 -13.31 -29.40
CA GLY D 57 -15.21 -14.61 -29.90
C GLY D 57 -16.33 -15.64 -29.99
N PHE D 58 -16.00 -16.79 -30.56
CA PHE D 58 -16.97 -17.86 -30.74
C PHE D 58 -17.23 -18.62 -29.45
N ALA D 59 -16.17 -18.86 -28.68
CA ALA D 59 -16.27 -19.67 -27.47
C ALA D 59 -17.04 -18.92 -26.40
N PRO D 60 -17.99 -19.60 -25.74
CA PRO D 60 -18.78 -19.04 -24.65
C PRO D 60 -17.91 -18.56 -23.50
N PHE D 61 -18.34 -17.51 -22.80
CA PHE D 61 -17.61 -17.06 -21.64
C PHE D 61 -17.56 -18.16 -20.60
N GLU D 62 -16.35 -18.54 -20.21
CA GLU D 62 -16.15 -19.41 -19.06
C GLU D 62 -14.75 -19.23 -18.55
N VAL D 63 -14.62 -19.04 -17.25
CA VAL D 63 -13.34 -19.11 -16.58
C VAL D 63 -13.47 -20.19 -15.52
N GLN D 64 -12.45 -21.03 -15.39
CA GLN D 64 -12.48 -22.11 -14.42
C GLN D 64 -11.18 -22.15 -13.64
N LEU D 65 -11.31 -22.39 -12.34
CA LEU D 65 -10.16 -22.73 -11.52
C LEU D 65 -10.08 -24.25 -11.48
N CYS D 66 -9.05 -24.80 -12.10
CA CYS D 66 -8.90 -26.26 -12.24
C CYS D 66 -7.93 -26.86 -11.23
N LYS D 67 -8.38 -27.89 -10.53
CA LYS D 67 -7.49 -28.77 -9.78
C LYS D 67 -7.41 -30.05 -10.62
N ASN D 68 -6.24 -30.30 -11.20
CA ASN D 68 -6.06 -31.40 -12.12
C ASN D 68 -7.06 -31.30 -13.28
N LYS D 69 -8.00 -32.23 -13.36
CA LYS D 69 -9.05 -32.14 -14.39
C LYS D 69 -10.37 -31.67 -13.80
N ASP D 70 -10.32 -31.18 -12.57
CA ASP D 70 -11.54 -30.89 -11.80
C ASP D 70 -11.73 -29.39 -11.63
N ALA D 71 -12.82 -28.87 -12.18
CA ALA D 71 -13.19 -27.47 -11.93
C ALA D 71 -13.79 -27.32 -10.54
N ILE D 72 -13.04 -26.67 -9.65
CA ILE D 72 -13.48 -26.45 -8.26
C ILE D 72 -14.19 -25.10 -8.13
N GLN D 73 -14.11 -24.29 -9.18
CA GLN D 73 -14.95 -23.12 -9.30
C GLN D 73 -15.12 -22.74 -10.77
N THR D 74 -16.38 -22.46 -11.15
CA THR D 74 -16.69 -22.06 -12.52
C THR D 74 -17.39 -20.70 -12.54
N LEU D 75 -16.99 -19.84 -13.48
CA LEU D 75 -17.65 -18.56 -13.69
C LEU D 75 -18.18 -18.54 -15.11
N THR D 76 -19.46 -18.24 -15.27
CA THR D 76 -20.04 -18.14 -16.60
C THR D 76 -20.74 -16.81 -16.81
N ASP D 77 -20.78 -15.98 -15.77
CA ASP D 77 -21.32 -14.63 -15.90
C ASP D 77 -20.25 -13.70 -16.44
N SER D 78 -20.50 -13.18 -17.65
CA SER D 78 -19.56 -12.28 -18.30
C SER D 78 -19.87 -10.84 -18.00
N SER D 79 -20.87 -10.62 -17.14
CA SER D 79 -21.38 -9.27 -16.93
C SER D 79 -20.98 -8.67 -15.61
N LYS D 80 -19.97 -9.25 -14.96
CA LYS D 80 -19.62 -8.83 -13.61
C LYS D 80 -18.23 -9.26 -13.21
N ILE D 81 -17.58 -8.46 -12.36
CA ILE D 81 -16.30 -8.82 -11.81
C ILE D 81 -16.51 -9.82 -10.66
N GLN D 82 -15.76 -10.91 -10.67
CA GLN D 82 -15.99 -12.00 -9.73
C GLN D 82 -14.79 -12.28 -8.84
N ASN D 83 -15.07 -12.52 -7.57
CA ASN D 83 -14.06 -12.82 -6.57
C ASN D 83 -13.71 -14.28 -6.66
N LEU D 84 -12.47 -14.62 -6.32
CA LEU D 84 -12.00 -16.00 -6.36
C LEU D 84 -11.74 -16.58 -4.97
N GLY D 85 -11.91 -15.76 -3.94
CA GLY D 85 -11.61 -16.19 -2.58
C GLY D 85 -12.30 -17.46 -2.11
N ASN D 86 -11.51 -18.45 -1.70
CA ASN D 86 -12.05 -19.72 -1.19
C ASN D 86 -11.00 -20.59 -0.52
N ILE D 87 -11.47 -21.65 0.13
CA ILE D 87 -10.61 -22.55 0.91
C ILE D 87 -10.68 -23.96 0.34
N TYR D 88 -9.51 -24.58 0.12
CA TYR D 88 -9.45 -25.91 -0.48
C TYR D 88 -8.43 -26.82 0.16
N GLU D 89 -8.73 -28.11 0.23
CA GLU D 89 -7.69 -29.08 0.54
C GLU D 89 -7.02 -29.50 -0.77
N PHE D 90 -5.69 -29.42 -0.81
CA PHE D 90 -4.93 -29.87 -1.96
C PHE D 90 -3.91 -30.90 -1.52
N ASN D 91 -3.61 -31.85 -2.40
CA ASN D 91 -2.60 -32.86 -2.15
C ASN D 91 -1.35 -32.63 -3.00
N ALA D 92 -0.21 -33.10 -2.52
CA ALA D 92 1.05 -32.95 -3.24
C ALA D 92 0.95 -33.60 -4.61
N GLY D 93 1.36 -32.87 -5.65
CA GLY D 93 1.31 -33.37 -7.00
C GLY D 93 0.20 -32.78 -7.85
N ASP D 94 -0.79 -32.17 -7.20
CA ASP D 94 -1.93 -31.59 -7.91
C ASP D 94 -1.49 -30.37 -8.72
N THR D 95 -2.07 -30.20 -9.90
CA THR D 95 -1.83 -29.00 -10.68
C THR D 95 -3.03 -28.06 -10.56
N ILE D 96 -2.76 -26.78 -10.31
CA ILE D 96 -3.80 -25.76 -10.13
C ILE D 96 -3.66 -24.67 -11.18
N GLU D 97 -4.74 -24.38 -11.88
CA GLU D 97 -4.69 -23.40 -12.97
C GLU D 97 -5.96 -22.56 -13.09
N LEU D 98 -5.78 -21.27 -13.29
CA LEU D 98 -6.86 -20.43 -13.76
C LEU D 98 -6.84 -20.51 -15.28
N ARG D 99 -7.87 -21.13 -15.85
CA ARG D 99 -7.98 -21.20 -17.30
C ARG D 99 -9.17 -20.40 -17.81
N PHE D 100 -9.02 -19.87 -19.01
CA PHE D 100 -10.04 -19.08 -19.67
C PHE D 100 -10.39 -19.79 -20.96
N ASN D 101 -11.67 -19.87 -21.26
CA ASN D 101 -12.16 -20.52 -22.48
C ASN D 101 -11.55 -19.84 -23.70
N SER D 102 -11.27 -18.55 -23.53
CA SER D 102 -10.53 -17.77 -24.49
C SER D 102 -9.81 -16.69 -23.69
N ASP D 103 -8.53 -16.49 -23.94
CA ASP D 103 -7.77 -15.42 -23.30
C ASP D 103 -8.46 -14.06 -23.47
N ASP D 104 -9.13 -13.88 -24.61
CA ASP D 104 -9.78 -12.61 -24.96
C ASP D 104 -10.95 -12.27 -24.05
N GLN D 105 -11.46 -13.27 -23.33
CA GLN D 105 -12.66 -13.12 -22.50
C GLN D 105 -12.43 -12.27 -21.26
N VAL D 106 -11.18 -12.15 -20.82
CA VAL D 106 -10.87 -11.36 -19.62
C VAL D 106 -9.84 -10.26 -19.88
N LEU D 107 -9.78 -9.29 -18.98
CA LEU D 107 -8.74 -8.27 -19.02
C LEU D 107 -7.65 -8.69 -18.04
N LYS D 108 -6.47 -9.00 -18.57
CA LYS D 108 -5.36 -9.44 -17.73
C LYS D 108 -4.86 -8.37 -16.77
N THR D 109 -5.20 -7.11 -17.05
CA THR D 109 -4.77 -6.02 -16.17
C THR D 109 -5.60 -5.95 -14.90
N ASN D 110 -6.72 -6.66 -14.84
CA ASN D 110 -7.55 -6.67 -13.64
C ASN D 110 -8.04 -8.08 -13.33
N THR D 111 -7.19 -9.05 -13.59
CA THR D 111 -7.48 -10.44 -13.34
C THR D 111 -6.21 -11.05 -12.77
N TYR D 112 -6.35 -11.74 -11.64
CA TYR D 112 -5.20 -12.36 -11.02
C TYR D 112 -5.65 -13.44 -10.06
N PHE D 113 -4.71 -14.27 -9.63
CA PHE D 113 -5.04 -15.15 -8.52
C PHE D 113 -3.82 -15.43 -7.68
N GLY D 114 -4.08 -15.76 -6.43
CA GLY D 114 -3.00 -16.08 -5.52
C GLY D 114 -3.37 -17.30 -4.71
N ILE D 115 -2.37 -17.87 -4.07
CA ILE D 115 -2.59 -19.04 -3.23
C ILE D 115 -1.68 -18.95 -2.02
N ILE D 116 -2.15 -19.42 -0.88
CA ILE D 116 -1.34 -19.40 0.31
C ILE D 116 -1.66 -20.63 1.14
N LEU D 117 -0.63 -21.29 1.67
CA LEU D 117 -0.84 -22.45 2.54
C LEU D 117 -1.31 -21.97 3.89
N LEU D 118 -2.43 -22.51 4.35
CA LEU D 118 -2.98 -22.16 5.66
C LEU D 118 -2.56 -23.10 6.77
N ALA D 119 -2.54 -24.39 6.46
CA ALA D 119 -2.29 -25.41 7.47
C ALA D 119 -1.97 -26.75 6.82
N ASN D 120 -1.24 -27.59 7.54
CA ASN D 120 -1.09 -28.97 7.13
C ASN D 120 -1.42 -29.90 8.28
N PRO D 121 -2.70 -30.30 8.38
CA PRO D 121 -3.12 -31.25 9.40
C PRO D 121 -2.63 -32.67 9.09
N LYS E 3 1.59 -24.68 17.65
CA LYS E 3 1.30 -24.34 16.26
C LYS E 3 0.24 -25.27 15.69
N ASP E 4 -0.02 -26.38 16.38
CA ASP E 4 -0.98 -27.36 15.90
C ASP E 4 -2.39 -26.77 15.80
N PRO E 5 -2.97 -26.83 14.60
CA PRO E 5 -4.32 -26.31 14.38
C PRO E 5 -5.38 -27.33 14.78
N CYS E 6 -6.52 -26.84 15.27
CA CYS E 6 -7.64 -27.69 15.62
C CYS E 6 -8.40 -27.97 14.34
N VAL E 7 -8.22 -29.17 13.80
CA VAL E 7 -8.78 -29.53 12.49
C VAL E 7 -9.49 -30.88 12.58
N ALA E 8 -10.60 -31.02 11.87
CA ALA E 8 -11.29 -32.30 11.76
C ALA E 8 -11.91 -32.41 10.38
N LYS E 9 -12.13 -33.64 9.91
CA LYS E 9 -12.67 -33.89 8.58
C LYS E 9 -13.47 -35.20 8.50
N PHE E 10 -14.67 -35.15 7.92
CA PHE E 10 -15.45 -36.35 7.68
C PHE E 10 -15.47 -36.74 6.21
N GLY E 11 -15.15 -37.99 5.91
CA GLY E 11 -15.21 -38.46 4.54
C GLY E 11 -13.96 -38.07 3.77
N PRO E 12 -13.91 -38.41 2.46
CA PRO E 12 -14.95 -39.16 1.75
C PRO E 12 -14.87 -40.64 2.08
N SER E 13 -15.92 -41.39 1.76
CA SER E 13 -15.98 -42.84 1.98
C SER E 13 -14.75 -43.51 1.37
N PRO E 14 -14.13 -44.47 2.09
CA PRO E 14 -14.60 -45.08 3.34
C PRO E 14 -14.02 -44.42 4.57
N SER E 15 -13.51 -43.20 4.46
CA SER E 15 -13.00 -42.53 5.65
C SER E 15 -14.18 -41.97 6.41
N GLU E 16 -14.10 -41.99 7.73
CA GLU E 16 -15.13 -41.40 8.57
C GLU E 16 -14.57 -40.12 9.21
N TRP E 17 -14.64 -39.97 10.53
CA TRP E 17 -14.03 -38.77 11.13
C TRP E 17 -12.52 -38.92 11.23
N GLN E 18 -11.80 -37.86 10.84
CA GLN E 18 -10.40 -37.72 11.21
C GLN E 18 -10.25 -36.40 11.98
N MET E 19 -9.42 -36.39 13.02
CA MET E 19 -9.27 -35.21 13.88
C MET E 19 -7.81 -34.84 14.11
N ALA E 20 -7.57 -33.59 14.50
CA ALA E 20 -6.21 -33.15 14.86
C ALA E 20 -6.15 -32.66 16.30
N SER E 21 -4.93 -32.63 16.85
CA SER E 21 -4.72 -32.40 18.29
C SER E 21 -5.11 -31.02 18.82
N SER E 22 -4.72 -30.77 20.07
CA SER E 22 -5.19 -29.61 20.81
C SER E 22 -4.05 -28.79 21.44
N GLU E 23 -3.84 -27.60 20.91
CA GLU E 23 -2.89 -26.63 21.44
C GLU E 23 -1.52 -27.20 21.81
N SER E 25 -8.96 -28.74 22.92
CA SER E 25 -9.59 -29.15 21.66
C SER E 25 -10.85 -28.31 21.41
N CYS E 26 -10.95 -27.79 20.20
CA CYS E 26 -12.03 -26.87 19.90
C CYS E 26 -13.30 -27.61 19.59
N LEU E 27 -13.20 -28.92 19.38
CA LEU E 27 -14.36 -29.70 18.95
C LEU E 27 -14.27 -31.19 19.22
N ASN E 28 -15.39 -31.87 19.06
CA ASN E 28 -15.39 -33.33 19.07
C ASN E 28 -16.57 -33.91 18.29
N LYS E 29 -16.33 -35.03 17.63
CA LYS E 29 -17.35 -35.67 16.81
C LYS E 29 -18.51 -36.20 17.65
N MET E 30 -19.68 -36.22 17.04
CA MET E 30 -20.89 -36.68 17.71
C MET E 30 -21.38 -37.97 17.05
N SER E 31 -21.27 -38.00 15.73
CA SER E 31 -21.73 -39.10 14.91
C SER E 31 -21.48 -38.70 13.45
N ASP E 32 -21.66 -39.64 12.52
CA ASP E 32 -21.38 -39.37 11.10
C ASP E 32 -21.87 -38.00 10.64
N TRP E 33 -20.96 -37.23 10.06
CA TRP E 33 -21.26 -35.90 9.51
C TRP E 33 -21.60 -34.87 10.59
N LYS E 34 -21.30 -35.16 11.85
CA LYS E 34 -21.74 -34.29 12.95
C LYS E 34 -20.72 -34.10 14.07
N LEU E 35 -20.46 -32.84 14.43
CA LEU E 35 -19.55 -32.52 15.52
C LEU E 35 -20.11 -31.46 16.47
N ARG E 36 -19.43 -31.29 17.60
CA ARG E 36 -19.82 -30.30 18.58
C ARG E 36 -18.71 -29.27 18.69
N ILE E 37 -19.06 -27.99 18.53
CA ILE E 37 -18.10 -26.90 18.74
C ILE E 37 -17.87 -26.69 20.24
N LEU E 38 -16.61 -26.70 20.66
CA LEU E 38 -16.26 -26.62 22.08
C LEU E 38 -15.45 -25.38 22.44
N GLN E 39 -15.31 -24.47 21.49
CA GLN E 39 -14.56 -23.24 21.68
C GLN E 39 -15.21 -22.17 20.86
N ASN E 40 -15.39 -20.98 21.43
CA ASN E 40 -15.87 -19.86 20.65
C ASN E 40 -14.76 -19.42 19.72
N GLY E 41 -15.09 -19.10 18.48
CA GLY E 41 -14.06 -18.65 17.56
C GLY E 41 -14.51 -18.63 16.12
N LEU E 42 -13.58 -18.27 15.24
CA LEU E 42 -13.85 -18.20 13.81
C LEU E 42 -13.30 -19.44 13.15
N TYR E 43 -14.09 -20.04 12.27
CA TYR E 43 -13.72 -21.30 11.68
C TYR E 43 -13.89 -21.21 10.16
N ALA E 44 -13.02 -21.88 9.42
CA ALA E 44 -13.25 -22.08 8.00
C ALA E 44 -13.83 -23.47 7.81
N ILE E 45 -14.86 -23.58 6.97
CA ILE E 45 -15.37 -24.88 6.56
C ILE E 45 -14.79 -25.12 5.17
N TYR E 46 -14.44 -26.36 4.86
CA TYR E 46 -14.10 -26.70 3.49
C TYR E 46 -14.75 -28.02 3.15
N GLY E 47 -14.80 -28.34 1.86
CA GLY E 47 -15.39 -29.60 1.45
C GLY E 47 -16.01 -29.52 0.08
N ARG E 48 -16.65 -30.62 -0.30
CA ARG E 48 -17.23 -30.74 -1.62
C ARG E 48 -18.45 -31.63 -1.49
N VAL E 49 -19.50 -31.32 -2.25
CA VAL E 49 -20.69 -32.16 -2.33
C VAL E 49 -20.94 -32.59 -3.78
N THR E 50 -20.92 -33.89 -4.03
CA THR E 50 -21.08 -34.41 -5.38
C THR E 50 -22.39 -35.19 -5.48
N PRO E 51 -23.34 -34.68 -6.31
CA PRO E 51 -24.61 -35.37 -6.55
C PRO E 51 -24.38 -36.77 -7.11
N ASN E 52 -25.29 -37.69 -6.78
CA ASN E 52 -25.20 -39.05 -7.30
C ASN E 52 -26.07 -39.17 -8.54
N PRO E 53 -25.48 -39.46 -9.70
CA PRO E 53 -26.24 -39.57 -10.94
C PRO E 53 -27.14 -40.80 -10.98
N THR E 54 -27.02 -41.69 -10.01
CA THR E 54 -27.84 -42.89 -9.99
C THR E 54 -29.15 -42.69 -9.21
N TYR E 55 -29.27 -41.55 -8.53
CA TYR E 55 -30.44 -41.29 -7.68
C TYR E 55 -31.72 -41.16 -8.50
N LYS E 56 -32.70 -42.00 -8.19
CA LYS E 56 -33.96 -41.96 -8.91
C LYS E 56 -35.14 -41.93 -7.94
N GLY E 57 -34.89 -41.42 -6.74
CA GLY E 57 -35.91 -41.37 -5.70
C GLY E 57 -36.71 -40.08 -5.75
N PHE E 58 -37.74 -39.99 -4.92
CA PHE E 58 -38.72 -38.93 -5.07
C PHE E 58 -38.55 -37.74 -4.13
N ALA E 59 -37.66 -37.86 -3.15
CA ALA E 59 -37.27 -36.69 -2.39
C ALA E 59 -36.45 -35.79 -3.31
N PRO E 60 -36.88 -34.53 -3.46
CA PRO E 60 -36.12 -33.59 -4.28
C PRO E 60 -34.72 -33.41 -3.72
N PHE E 61 -33.75 -33.09 -4.59
CA PHE E 61 -32.36 -33.00 -4.18
C PHE E 61 -32.18 -31.84 -3.22
N GLU E 62 -31.60 -32.13 -2.06
CA GLU E 62 -31.19 -31.05 -1.18
C GLU E 62 -30.13 -31.50 -0.21
N VAL E 63 -29.12 -30.67 -0.03
CA VAL E 63 -28.06 -30.91 0.92
C VAL E 63 -27.89 -29.62 1.71
N GLN E 64 -27.75 -29.74 3.02
CA GLN E 64 -27.60 -28.55 3.84
C GLN E 64 -26.46 -28.67 4.84
N LEU E 65 -25.71 -27.59 5.01
CA LEU E 65 -24.85 -27.42 6.17
C LEU E 65 -25.75 -26.78 7.24
N CYS E 66 -25.82 -27.39 8.42
N CYS E 66 -25.86 -27.46 8.38
CA CYS E 66 -26.81 -27.04 9.42
CA CYS E 66 -26.72 -27.00 9.45
C CYS E 66 -26.15 -26.76 10.78
C CYS E 66 -25.86 -26.56 10.61
N LYS E 67 -26.36 -25.55 11.31
CA LYS E 67 -25.80 -25.15 12.59
C LYS E 67 -26.97 -25.08 13.55
N ASN E 68 -26.89 -25.84 14.64
CA ASN E 68 -28.05 -26.04 15.50
C ASN E 68 -29.24 -26.43 14.62
N LYS E 69 -30.38 -25.77 14.78
CA LYS E 69 -31.52 -26.13 13.94
C LYS E 69 -31.48 -25.49 12.55
N ASP E 70 -30.56 -24.54 12.35
CA ASP E 70 -30.62 -23.64 11.19
C ASP E 70 -29.56 -23.89 10.13
N ALA E 71 -30.00 -24.13 8.89
CA ALA E 71 -29.12 -24.30 7.75
C ALA E 71 -28.33 -23.03 7.44
N ILE E 72 -27.01 -23.14 7.36
CA ILE E 72 -26.18 -22.00 7.03
C ILE E 72 -25.73 -22.06 5.58
N GLN E 73 -25.87 -23.22 4.95
CA GLN E 73 -25.66 -23.35 3.51
C GLN E 73 -26.68 -24.36 2.98
N THR E 74 -27.22 -24.11 1.80
CA THR E 74 -28.27 -24.94 1.24
C THR E 74 -27.99 -25.20 -0.22
N LEU E 75 -27.91 -26.48 -0.57
CA LEU E 75 -27.57 -26.89 -1.92
C LEU E 75 -28.77 -27.59 -2.54
N THR E 76 -29.27 -27.07 -3.66
CA THR E 76 -30.50 -27.56 -4.24
C THR E 76 -30.40 -27.99 -5.70
N ASP E 77 -29.22 -27.77 -6.31
CA ASP E 77 -29.02 -28.03 -7.72
C ASP E 77 -28.25 -29.32 -7.88
N SER E 78 -28.91 -30.35 -8.39
CA SER E 78 -28.30 -31.67 -8.50
C SER E 78 -27.38 -31.81 -9.71
N SER E 79 -27.17 -30.71 -10.45
CA SER E 79 -26.27 -30.75 -11.58
C SER E 79 -24.98 -29.98 -11.28
N LYS E 80 -24.81 -29.58 -10.03
CA LYS E 80 -23.63 -28.84 -9.61
C LYS E 80 -22.83 -29.65 -8.61
N ILE E 81 -21.52 -29.64 -8.74
CA ILE E 81 -20.64 -30.21 -7.72
C ILE E 81 -20.18 -29.04 -6.86
N GLN E 82 -20.72 -28.96 -5.64
CA GLN E 82 -20.63 -27.76 -4.84
C GLN E 82 -19.50 -27.73 -3.82
N ASN E 83 -18.77 -26.62 -3.80
CA ASN E 83 -17.74 -26.34 -2.82
C ASN E 83 -18.37 -25.79 -1.53
N LEU E 84 -17.94 -26.29 -0.38
CA LEU E 84 -18.51 -25.85 0.89
C LEU E 84 -17.67 -24.78 1.60
N GLY E 85 -16.51 -24.45 1.03
CA GLY E 85 -15.59 -23.51 1.63
C GLY E 85 -16.26 -22.23 2.12
N ASN E 86 -16.09 -21.89 3.38
CA ASN E 86 -16.67 -20.65 3.89
C ASN E 86 -16.09 -20.26 5.25
N ILE E 87 -16.40 -19.05 5.72
CA ILE E 87 -15.94 -18.57 7.02
C ILE E 87 -17.11 -18.21 7.93
N TYR E 88 -17.12 -18.80 9.12
CA TYR E 88 -18.19 -18.53 10.09
C TYR E 88 -17.63 -18.30 11.50
N GLU E 89 -18.42 -17.60 12.31
CA GLU E 89 -18.18 -17.57 13.74
C GLU E 89 -19.08 -18.61 14.38
N PHE E 90 -18.49 -19.48 15.21
CA PHE E 90 -19.24 -20.51 15.93
C PHE E 90 -18.98 -20.36 17.43
N ASN E 91 -19.92 -20.82 18.23
CA ASN E 91 -19.77 -20.73 19.67
C ASN E 91 -19.63 -22.11 20.26
N ALA E 92 -18.92 -22.20 21.38
CA ALA E 92 -18.87 -23.43 22.15
C ALA E 92 -20.30 -23.91 22.42
N GLY E 93 -20.57 -25.16 22.05
CA GLY E 93 -21.90 -25.71 22.20
C GLY E 93 -22.65 -25.96 20.89
N ASP E 94 -22.37 -25.14 19.88
CA ASP E 94 -23.08 -25.23 18.60
C ASP E 94 -22.88 -26.60 17.96
N THR E 95 -23.89 -27.12 17.26
CA THR E 95 -23.69 -28.35 16.50
C THR E 95 -23.66 -28.05 15.00
N ILE E 96 -22.68 -28.65 14.30
CA ILE E 96 -22.54 -28.48 12.86
C ILE E 96 -22.67 -29.82 12.15
N GLU E 97 -23.56 -29.90 11.17
CA GLU E 97 -23.84 -31.16 10.52
C GLU E 97 -24.07 -30.97 9.03
N LEU E 98 -23.50 -31.86 8.23
CA LEU E 98 -23.88 -31.91 6.81
C LEU E 98 -24.98 -32.96 6.70
N ARG E 99 -26.13 -32.57 6.15
CA ARG E 99 -27.25 -33.50 6.02
C ARG E 99 -27.80 -33.55 4.60
N PHE E 100 -28.41 -34.67 4.25
CA PHE E 100 -28.93 -34.88 2.90
C PHE E 100 -30.39 -35.30 2.96
N ASN E 101 -31.18 -34.90 1.97
CA ASN E 101 -32.56 -35.39 1.88
C ASN E 101 -32.62 -36.91 1.72
N SER E 102 -31.56 -37.50 1.16
CA SER E 102 -31.41 -38.93 1.11
C SER E 102 -29.94 -39.29 0.98
N ASP E 103 -29.50 -40.35 1.62
CA ASP E 103 -28.11 -40.79 1.48
C ASP E 103 -27.80 -41.03 0.00
N ASP E 104 -28.83 -41.42 -0.75
CA ASP E 104 -28.66 -41.85 -2.14
C ASP E 104 -28.42 -40.70 -3.11
N GLN E 105 -28.68 -39.48 -2.66
CA GLN E 105 -28.57 -38.28 -3.50
C GLN E 105 -27.13 -37.84 -3.76
N VAL E 106 -26.23 -38.25 -2.87
CA VAL E 106 -24.83 -37.85 -3.00
C VAL E 106 -23.90 -39.03 -3.26
N LEU E 107 -22.79 -38.72 -3.92
CA LEU E 107 -21.76 -39.70 -4.19
C LEU E 107 -20.77 -39.65 -3.01
N LYS E 108 -20.79 -40.70 -2.18
CA LYS E 108 -20.12 -40.64 -0.89
C LYS E 108 -18.61 -40.70 -0.99
N THR E 109 -18.10 -41.28 -2.08
CA THR E 109 -16.66 -41.29 -2.30
C THR E 109 -16.17 -39.91 -2.75
N ASN E 110 -17.11 -39.01 -3.04
CA ASN E 110 -16.77 -37.69 -3.57
C ASN E 110 -17.29 -36.52 -2.74
N THR E 111 -17.87 -36.84 -1.59
CA THR E 111 -18.46 -35.81 -0.74
C THR E 111 -17.78 -35.86 0.60
N TYR E 112 -17.41 -34.69 1.11
CA TYR E 112 -16.73 -34.60 2.39
C TYR E 112 -16.83 -33.18 2.91
N PHE E 113 -16.56 -32.99 4.20
CA PHE E 113 -16.37 -31.65 4.70
C PHE E 113 -15.48 -31.68 5.92
N GLY E 114 -14.72 -30.60 6.09
CA GLY E 114 -13.87 -30.44 7.23
C GLY E 114 -14.04 -29.05 7.81
N ILE E 115 -13.36 -28.82 8.94
CA ILE E 115 -13.40 -27.54 9.62
C ILE E 115 -12.04 -27.34 10.29
N ILE E 116 -11.60 -26.09 10.34
CA ILE E 116 -10.39 -25.73 11.08
C ILE E 116 -10.62 -24.42 11.83
N LEU E 117 -10.20 -24.37 13.09
CA LEU E 117 -10.26 -23.13 13.85
C LEU E 117 -9.28 -22.13 13.24
N LEU E 118 -9.77 -20.94 12.92
CA LEU E 118 -8.90 -19.89 12.40
C LEU E 118 -8.28 -19.06 13.52
N ALA E 119 -9.11 -18.62 14.45
CA ALA E 119 -8.62 -17.89 15.62
C ALA E 119 -9.69 -17.89 16.70
N ASN E 120 -9.26 -17.73 17.94
CA ASN E 120 -10.19 -17.74 19.06
C ASN E 120 -10.02 -16.51 19.94
N PRO E 121 -10.38 -15.33 19.41
CA PRO E 121 -10.22 -14.06 20.14
C PRO E 121 -10.98 -14.04 21.48
N GLN E 122 -11.96 -14.94 21.63
CA GLN E 122 -12.71 -15.23 22.87
C GLN E 122 -14.00 -14.42 23.01
N PRO F 5 -2.64 15.85 -12.78
CA PRO F 5 -1.25 15.83 -12.31
C PRO F 5 -0.28 15.47 -13.42
N CYS F 6 0.72 16.32 -13.66
CA CYS F 6 1.65 16.16 -14.77
C CYS F 6 2.94 15.46 -14.35
N VAL F 7 2.95 14.14 -14.44
CA VAL F 7 4.03 13.31 -13.91
C VAL F 7 4.56 12.34 -14.98
N ALA F 8 5.84 12.00 -14.88
CA ALA F 8 6.43 10.95 -15.68
C ALA F 8 7.49 10.26 -14.84
N LYS F 9 7.69 8.96 -15.09
CA LYS F 9 8.61 8.16 -14.30
C LYS F 9 9.29 7.16 -15.23
N PHE F 10 10.62 7.18 -15.27
CA PHE F 10 11.34 6.21 -16.08
C PHE F 10 11.97 5.13 -15.21
N GLY F 11 11.56 3.89 -15.40
CA GLY F 11 12.12 2.81 -14.61
C GLY F 11 11.40 2.60 -13.30
N PRO F 12 11.92 1.70 -12.46
CA PRO F 12 13.14 0.94 -12.73
C PRO F 12 12.90 -0.20 -13.72
N SER F 13 13.98 -0.67 -14.36
CA SER F 13 13.91 -1.75 -15.33
C SER F 13 13.17 -2.93 -14.71
N PRO F 14 12.33 -3.63 -15.52
CA PRO F 14 12.14 -3.49 -16.96
C PRO F 14 11.17 -2.37 -17.36
N SER F 15 10.55 -1.74 -16.37
CA SER F 15 9.68 -0.62 -16.69
C SER F 15 10.53 0.47 -17.33
N GLU F 16 9.95 1.15 -18.31
CA GLU F 16 10.58 2.32 -18.89
C GLU F 16 9.77 3.53 -18.45
N TRP F 17 9.15 4.21 -19.41
CA TRP F 17 8.30 5.34 -19.07
C TRP F 17 6.94 4.87 -18.56
N GLN F 18 6.56 5.40 -17.41
CA GLN F 18 5.18 5.38 -16.98
C GLN F 18 4.70 6.82 -16.99
N MET F 19 3.50 7.04 -17.54
CA MET F 19 2.92 8.38 -17.63
C MET F 19 1.40 8.33 -17.52
N SER F 25 -0.27 19.04 -22.56
CA SER F 25 0.63 18.39 -21.62
C SER F 25 1.75 19.34 -21.21
N CYS F 26 2.58 18.89 -20.28
CA CYS F 26 3.68 19.72 -19.79
C CYS F 26 5.05 19.13 -20.13
N LEU F 27 5.07 17.92 -20.67
CA LEU F 27 6.33 17.32 -21.09
C LEU F 27 6.20 16.27 -22.20
N ASN F 28 7.31 16.01 -22.89
CA ASN F 28 7.39 14.97 -23.91
C ASN F 28 8.56 14.04 -23.64
N LYS F 29 8.30 12.75 -23.58
CA LYS F 29 9.38 11.79 -23.42
C LYS F 29 10.13 11.60 -24.74
N MET F 30 11.44 11.77 -24.73
CA MET F 30 12.23 11.77 -25.95
C MET F 30 12.95 10.45 -26.19
N SER F 31 13.45 9.86 -25.11
CA SER F 31 14.22 8.63 -25.17
C SER F 31 14.32 8.05 -23.76
N ASP F 32 15.01 6.92 -23.62
CA ASP F 32 15.22 6.33 -22.32
C ASP F 32 15.90 7.36 -21.43
N TRP F 33 15.34 7.58 -20.25
CA TRP F 33 15.92 8.47 -19.25
C TRP F 33 15.87 9.95 -19.63
N LYS F 34 15.27 10.28 -20.77
CA LYS F 34 15.26 11.67 -21.25
C LYS F 34 13.90 12.23 -21.65
N LEU F 35 13.60 13.44 -21.20
CA LEU F 35 12.32 14.11 -21.52
C LEU F 35 12.46 15.59 -21.90
N ARG F 36 11.43 16.09 -22.57
CA ARG F 36 11.34 17.48 -23.01
C ARG F 36 10.33 18.22 -22.15
N ILE F 37 10.77 19.22 -21.41
CA ILE F 37 9.86 20.10 -20.69
C ILE F 37 9.12 20.99 -21.70
N LEU F 38 7.79 20.91 -21.69
CA LEU F 38 6.96 21.72 -22.59
C LEU F 38 6.38 22.96 -21.90
N GLN F 39 6.48 23.02 -20.59
CA GLN F 39 5.83 24.10 -19.84
C GLN F 39 6.71 24.65 -18.73
N ASN F 40 6.71 25.96 -18.59
CA ASN F 40 7.43 26.60 -17.51
C ASN F 40 6.79 26.21 -16.19
N GLY F 41 7.61 26.03 -15.16
CA GLY F 41 7.07 25.72 -13.86
C GLY F 41 8.11 25.29 -12.86
N LEU F 42 7.66 25.05 -11.62
CA LEU F 42 8.48 24.45 -10.58
C LEU F 42 8.20 22.96 -10.58
N TYR F 43 9.25 22.17 -10.64
CA TYR F 43 9.11 20.74 -10.79
C TYR F 43 9.85 20.04 -9.67
N ALA F 44 9.27 18.97 -9.15
CA ALA F 44 9.95 18.13 -8.18
C ALA F 44 10.53 16.93 -8.89
N ILE F 45 11.82 16.67 -8.69
CA ILE F 45 12.41 15.44 -9.18
C ILE F 45 12.50 14.49 -7.99
N TYR F 46 12.33 13.19 -8.26
CA TYR F 46 12.51 12.16 -7.25
C TYR F 46 13.06 10.94 -7.95
N GLY F 47 13.54 9.97 -7.18
CA GLY F 47 14.18 8.82 -7.76
C GLY F 47 15.33 8.31 -6.91
N ARG F 48 16.05 7.35 -7.47
CA ARG F 48 17.02 6.58 -6.72
C ARG F 48 18.07 6.10 -7.70
N VAL F 49 19.34 6.19 -7.31
CA VAL F 49 20.43 5.67 -8.14
C VAL F 49 21.23 4.64 -7.34
N THR F 50 21.35 3.43 -7.87
CA THR F 50 22.07 2.35 -7.20
C THR F 50 23.31 1.99 -8.04
N PRO F 51 24.51 2.20 -7.47
CA PRO F 51 25.75 1.86 -8.19
C PRO F 51 25.87 0.36 -8.38
N ASN F 52 26.41 -0.04 -9.51
CA ASN F 52 26.74 -1.45 -9.75
C ASN F 52 28.07 -1.75 -9.08
N PRO F 53 28.04 -2.53 -7.99
CA PRO F 53 29.25 -2.82 -7.21
C PRO F 53 30.31 -3.63 -7.95
N THR F 54 29.99 -4.20 -9.11
CA THR F 54 30.98 -4.95 -9.87
C THR F 54 31.32 -4.28 -11.20
N TYR F 55 31.10 -2.98 -11.27
CA TYR F 55 31.53 -2.22 -12.43
C TYR F 55 33.06 -2.18 -12.44
N LYS F 56 33.64 -2.47 -13.59
CA LYS F 56 35.08 -2.48 -13.75
C LYS F 56 35.47 -1.88 -15.09
N GLY F 57 34.74 -0.86 -15.53
CA GLY F 57 35.04 -0.21 -16.78
C GLY F 57 36.14 0.83 -16.61
N PHE F 58 36.41 1.57 -17.69
CA PHE F 58 37.43 2.60 -17.69
C PHE F 58 36.95 3.98 -17.22
N ALA F 59 35.69 4.30 -17.50
CA ALA F 59 35.16 5.59 -17.14
C ALA F 59 35.05 5.70 -15.63
N PRO F 60 35.40 6.86 -15.07
CA PRO F 60 35.15 7.04 -13.63
C PRO F 60 33.64 7.05 -13.37
N PHE F 61 33.20 6.57 -12.21
CA PHE F 61 31.78 6.60 -11.89
C PHE F 61 31.29 8.03 -11.87
N GLU F 62 30.18 8.29 -12.54
CA GLU F 62 29.54 9.60 -12.54
C GLU F 62 28.16 9.50 -13.14
N VAL F 63 27.16 9.92 -12.37
CA VAL F 63 25.80 9.95 -12.83
C VAL F 63 25.31 11.37 -12.68
N GLN F 64 24.61 11.88 -13.69
CA GLN F 64 24.18 13.27 -13.68
C GLN F 64 22.73 13.44 -14.10
N LEU F 65 21.99 14.27 -13.35
CA LEU F 65 20.75 14.83 -13.86
C LEU F 65 21.14 16.09 -14.61
N CYS F 66 20.86 16.13 -15.91
CA CYS F 66 21.26 17.26 -16.75
C CYS F 66 20.04 18.04 -17.24
N LYS F 67 20.12 19.36 -17.15
CA LYS F 67 19.12 20.22 -17.75
C LYS F 67 19.80 20.88 -18.90
N ASN F 68 19.36 20.56 -20.12
CA ASN F 68 20.10 20.95 -21.30
C ASN F 68 21.53 20.45 -21.10
N LYS F 69 22.51 21.35 -21.18
CA LYS F 69 23.90 20.92 -21.04
C LYS F 69 24.39 20.93 -19.59
N ASP F 70 23.49 21.21 -18.65
CA ASP F 70 23.90 21.52 -17.29
C ASP F 70 23.50 20.47 -16.26
N ALA F 71 24.51 19.79 -15.71
CA ALA F 71 24.29 18.89 -14.58
C ALA F 71 23.75 19.67 -13.40
N ILE F 72 22.47 19.47 -13.10
CA ILE F 72 21.89 20.07 -11.91
C ILE F 72 22.18 19.24 -10.66
N GLN F 73 22.45 17.95 -10.88
CA GLN F 73 22.92 17.08 -9.82
C GLN F 73 23.99 16.14 -10.37
N THR F 74 25.10 16.01 -9.63
CA THR F 74 26.17 15.11 -10.00
C THR F 74 26.47 14.15 -8.84
N LEU F 75 26.50 12.86 -9.13
CA LEU F 75 26.83 11.84 -8.14
C LEU F 75 28.16 11.17 -8.51
N THR F 76 29.07 11.11 -7.56
CA THR F 76 30.39 10.52 -7.82
C THR F 76 30.75 9.48 -6.77
N ASP F 77 29.83 9.22 -5.83
CA ASP F 77 30.04 8.23 -4.78
C ASP F 77 29.47 6.88 -5.25
N SER F 78 30.32 5.87 -5.39
CA SER F 78 29.91 4.60 -5.97
C SER F 78 29.58 3.52 -4.93
N SER F 79 29.53 3.88 -3.66
CA SER F 79 29.45 2.87 -2.61
C SER F 79 28.10 2.83 -1.91
N LYS F 80 27.17 3.66 -2.35
CA LYS F 80 25.90 3.80 -1.67
C LYS F 80 24.79 4.18 -2.63
N ILE F 81 23.60 3.64 -2.39
CA ILE F 81 22.44 4.02 -3.16
C ILE F 81 22.12 5.47 -2.87
N GLN F 82 21.76 6.24 -3.90
CA GLN F 82 21.56 7.67 -3.69
C GLN F 82 20.21 8.18 -4.18
N ASN F 83 19.61 9.07 -3.40
CA ASN F 83 18.29 9.60 -3.67
C ASN F 83 18.35 10.85 -4.57
N LEU F 84 17.34 11.01 -5.43
CA LEU F 84 17.35 12.11 -6.40
C LEU F 84 16.34 13.21 -6.06
N GLY F 85 15.66 13.10 -4.92
CA GLY F 85 14.62 14.05 -4.57
C GLY F 85 15.07 15.51 -4.54
N ASN F 86 14.31 16.39 -5.18
CA ASN F 86 14.66 17.81 -5.25
C ASN F 86 13.61 18.65 -5.96
N ILE F 87 13.74 19.97 -5.86
CA ILE F 87 12.84 20.88 -6.56
C ILE F 87 13.65 21.80 -7.45
N TYR F 88 13.26 21.91 -8.72
CA TYR F 88 13.95 22.79 -9.66
C TYR F 88 12.97 23.61 -10.47
N GLU F 89 13.43 24.76 -10.95
CA GLU F 89 12.70 25.55 -11.95
C GLU F 89 13.18 25.19 -13.37
N PHE F 90 12.26 24.73 -14.22
CA PHE F 90 12.57 24.41 -15.61
C PHE F 90 11.73 25.27 -16.55
N ASN F 91 12.19 25.41 -17.80
CA ASN F 91 11.51 26.22 -18.80
C ASN F 91 11.11 25.38 -19.99
N ALA F 92 10.03 25.79 -20.65
CA ALA F 92 9.63 25.24 -21.93
C ALA F 92 10.85 25.11 -22.82
N GLY F 93 11.02 23.94 -23.42
CA GLY F 93 12.18 23.69 -24.27
C GLY F 93 13.27 22.88 -23.60
N ASP F 94 13.49 23.12 -22.31
CA ASP F 94 14.52 22.41 -21.55
C ASP F 94 14.39 20.91 -21.72
N THR F 95 15.53 20.24 -21.89
CA THR F 95 15.52 18.79 -21.84
C THR F 95 16.02 18.38 -20.46
N ILE F 96 15.52 17.25 -19.98
CA ILE F 96 15.94 16.69 -18.71
C ILE F 96 16.34 15.22 -18.94
N GLU F 97 17.54 14.84 -18.50
CA GLU F 97 18.00 13.47 -18.70
C GLU F 97 18.77 13.01 -17.48
N LEU F 98 18.60 11.74 -17.12
CA LEU F 98 19.50 11.12 -16.14
C LEU F 98 20.56 10.33 -16.89
N ARG F 99 21.81 10.80 -16.86
CA ARG F 99 22.84 10.15 -17.63
C ARG F 99 23.96 9.54 -16.79
N PHE F 100 24.50 8.44 -17.31
CA PHE F 100 25.52 7.66 -16.63
C PHE F 100 26.75 7.70 -17.51
N ASN F 101 27.93 7.77 -16.89
CA ASN F 101 29.19 7.80 -17.65
C ASN F 101 29.35 6.49 -18.41
N SER F 102 28.77 5.44 -17.85
CA SER F 102 28.65 4.15 -18.52
C SER F 102 27.46 3.44 -17.90
N ASP F 103 26.64 2.80 -18.73
CA ASP F 103 25.43 2.18 -18.22
C ASP F 103 25.72 0.99 -17.31
N ASP F 104 26.93 0.45 -17.42
CA ASP F 104 27.40 -0.58 -16.50
C ASP F 104 27.61 -0.02 -15.10
N GLN F 105 27.55 1.29 -14.95
CA GLN F 105 27.83 1.91 -13.65
C GLN F 105 26.66 1.86 -12.70
N VAL F 106 25.48 1.55 -13.20
CA VAL F 106 24.30 1.44 -12.35
C VAL F 106 23.60 0.08 -12.48
N LEU F 107 22.87 -0.28 -11.43
CA LEU F 107 21.97 -1.42 -11.48
C LEU F 107 20.60 -0.90 -11.89
N LYS F 108 20.27 -1.01 -13.17
CA LYS F 108 19.02 -0.44 -13.69
C LYS F 108 17.76 -0.98 -13.00
N THR F 109 17.88 -2.13 -12.35
CA THR F 109 16.74 -2.75 -11.68
C THR F 109 16.28 -1.96 -10.47
N ASN F 110 17.12 -1.03 -10.02
CA ASN F 110 16.84 -0.25 -8.81
C ASN F 110 17.25 1.20 -9.03
N THR F 111 17.23 1.62 -10.29
CA THR F 111 17.53 3.00 -10.65
C THR F 111 16.35 3.55 -11.45
N TYR F 112 15.81 4.68 -11.00
CA TYR F 112 14.70 5.30 -11.69
C TYR F 112 14.63 6.77 -11.36
N PHE F 113 13.93 7.52 -12.21
CA PHE F 113 13.65 8.90 -11.85
C PHE F 113 12.28 9.34 -12.34
N GLY F 114 11.71 10.29 -11.61
CA GLY F 114 10.40 10.81 -11.94
C GLY F 114 10.41 12.30 -11.80
N ILE F 115 9.37 12.94 -12.31
CA ILE F 115 9.25 14.38 -12.26
C ILE F 115 7.77 14.74 -12.20
N ILE F 116 7.48 15.84 -11.53
CA ILE F 116 6.10 16.33 -11.45
C ILE F 116 6.09 17.84 -11.37
N LEU F 117 5.16 18.46 -12.08
CA LEU F 117 4.96 19.89 -12.03
C LEU F 117 4.23 20.29 -10.75
N LEU F 118 4.87 21.10 -9.91
CA LEU F 118 4.27 21.51 -8.65
C LEU F 118 3.47 22.79 -8.82
N ALA F 119 4.01 23.71 -9.60
CA ALA F 119 3.36 25.00 -9.84
C ALA F 119 3.94 25.64 -11.09
N ASN F 120 3.18 26.55 -11.68
CA ASN F 120 3.68 27.36 -12.78
C ASN F 120 3.29 28.80 -12.53
N PRO F 121 3.96 29.45 -11.57
CA PRO F 121 3.54 30.77 -11.12
C PRO F 121 3.64 31.81 -12.23
N GLN F 122 2.73 32.76 -12.22
CA GLN F 122 2.78 33.88 -13.14
C GLN F 122 3.16 35.11 -12.35
N PHE F 123 4.38 35.59 -12.59
CA PHE F 123 4.89 36.74 -11.89
C PHE F 123 4.44 38.02 -12.56
C1 GOL G . 4.55 22.60 10.57
O1 GOL G . 4.29 23.09 9.28
C2 GOL G . 4.15 23.72 11.52
O2 GOL G . 3.05 24.40 10.93
C3 GOL G . 3.74 23.11 12.85
O3 GOL G . 4.09 23.98 13.92
C1 GOL H . 3.45 -3.06 4.70
O1 GOL H . 2.05 -3.24 4.56
C2 GOL H . 4.15 -3.11 3.34
O2 GOL H . 4.64 -1.84 2.97
C3 GOL H . 5.33 -4.08 3.42
O3 GOL H . 6.13 -3.96 2.27
C1 GOL I . -26.51 -17.75 8.94
O1 GOL I . -27.43 -17.70 7.88
C2 GOL I . -25.15 -18.10 8.38
O2 GOL I . -25.14 -17.83 7.00
C3 GOL I . -24.06 -17.28 9.06
O3 GOL I . -24.24 -15.93 8.76
C1 GOL J . -23.50 4.50 8.74
O1 GOL J . -23.78 3.12 8.88
C2 GOL J . -22.03 4.68 8.40
O2 GOL J . -21.92 5.60 7.33
C3 GOL J . -21.28 5.22 9.61
O3 GOL J . -19.90 5.03 9.43
C1 GOL K . -11.45 -8.21 -4.86
O1 GOL K . -11.74 -9.08 -5.94
C2 GOL K . -10.02 -8.45 -4.36
O2 GOL K . -9.82 -7.71 -3.17
C3 GOL K . -9.82 -9.94 -4.12
O3 GOL K . -8.71 -10.20 -3.29
C1 GOL L . -27.49 -35.80 -10.87
O1 GOL L . -27.49 -35.15 -12.12
C2 GOL L . -28.92 -36.13 -10.47
O2 GOL L . -28.97 -36.48 -9.10
C3 GOL L . -29.44 -37.28 -11.34
O3 GOL L . -30.78 -37.61 -11.02
C1 GOL M . -4.11 -22.27 12.27
O1 GOL M . -4.89 -21.70 11.24
C2 GOL M . -2.62 -21.99 12.04
O2 GOL M . -2.03 -21.56 13.25
C3 GOL M . -1.94 -23.27 11.58
O3 GOL M . -0.53 -23.10 11.64
C1 GOL N . 11.92 6.31 -2.09
O1 GOL N . 12.15 5.16 -1.28
C2 GOL N . 13.19 6.66 -2.85
O2 GOL N . 13.91 5.46 -3.09
C3 GOL N . 12.86 7.27 -4.21
O3 GOL N . 11.90 8.29 -4.10
MG MG O . 14.61 0.13 -24.68
#